data_6A5E
#
_entry.id   6A5E
#
_cell.length_a   62.312
_cell.length_b   62.360
_cell.length_c   97.478
_cell.angle_alpha   105.72
_cell.angle_beta   91.30
_cell.angle_gamma   108.48
#
_symmetry.space_group_name_H-M   'P 1'
#
loop_
_entity.id
_entity.type
_entity.pdbx_description
1 polymer 'Receptor-like protein kinase FERONIA'
2 polymer 'GPI-anchored protein LLG2'
3 polymer RALF23
4 branched 2-acetamido-2-deoxy-beta-D-glucopyranose-(1-4)-2-acetamido-2-deoxy-beta-D-glucopyranose
5 non-polymer 2-acetamido-2-deoxy-beta-D-glucopyranose
#
loop_
_entity_poly.entity_id
_entity_poly.type
_entity_poly.pdbx_seq_one_letter_code
_entity_poly.pdbx_strand_id
1 'polypeptide(L)'
;ADYSPTEKILLNCGGGASNLTDTDNRIWISDVKSKFLSSSSEDSKTSPALTQDPSVPEVPYMTARVFRSPFTYTFPVASG
RKFVRLYFYPNSYDGLNATNSLFSVSFGPYTLLKNFSASQTAEALTYAFIIKEFVVNVEGGTLNMTFTPESAPSNAYAFV
NGIEVTSMPDMYSSTDGTLTMVGSSGSVTIDNSTALENVYRLNVGGNDISPSADTGLYRSWYDDQPYIFGAGLGIPETAD
PNMTIKYPTGTPTYVAPVDVYSTARSMGPTAQINLNYNLTWIFSIDSGFTYLVRLHFCEVSSNITKINQRVFTIYLNNQT
AEPEADVIAWTSSNGVPFHKDYVVNPPEGNGQQDLWLALHPNPVNKPEYYDSLLNGVEIFKMNTSDGNLAGTNPIP
;
A,B
2 'polypeptide(L)'
;TTCKEDFANKNYTIITSRCKGPNYPANVCCSAFKDFACPFAEVLNDEKNDCASTMFSYINLYGRYPPGIFANMCKEGKEG
LDCT
;
C,D
3 'polypeptide(L)' RYISYGALRRNTIPC E,F
#
# COMPACT_ATOMS: atom_id res chain seq x y z
N ASP A 2 16.69 16.76 -2.36
CA ASP A 2 15.59 17.65 -2.68
C ASP A 2 16.11 18.96 -3.21
N TYR A 3 15.33 20.01 -3.07
CA TYR A 3 15.72 21.35 -3.47
C TYR A 3 15.68 22.16 -2.20
N SER A 4 16.74 22.90 -1.95
CA SER A 4 16.78 23.74 -0.77
C SER A 4 16.75 25.09 -1.33
N PRO A 5 15.77 25.86 -0.93
CA PRO A 5 15.62 27.19 -1.46
C PRO A 5 16.44 28.10 -0.63
N THR A 6 17.15 29.00 -1.27
CA THR A 6 17.96 29.91 -0.52
C THR A 6 17.12 30.82 0.37
N GLU A 7 15.96 31.25 -0.12
CA GLU A 7 15.06 32.08 0.65
C GLU A 7 13.75 31.38 0.98
N LYS A 8 13.42 31.36 2.25
CA LYS A 8 12.21 30.75 2.73
C LYS A 8 11.55 31.72 3.66
N ILE A 9 10.92 32.75 3.14
CA ILE A 9 10.30 33.73 4.01
C ILE A 9 8.87 33.44 4.36
N LEU A 10 8.66 32.81 5.50
CA LEU A 10 7.33 32.50 5.91
C LEU A 10 6.95 33.61 6.82
N LEU A 11 6.00 34.39 6.38
CA LEU A 11 5.61 35.54 7.13
C LEU A 11 4.16 35.46 7.55
N ASN A 12 3.93 35.57 8.84
CA ASN A 12 2.61 35.49 9.43
C ASN A 12 2.23 36.89 9.85
N CYS A 13 1.03 37.32 9.50
CA CYS A 13 0.65 38.69 9.81
C CYS A 13 -0.08 38.88 11.11
N GLY A 14 0.56 39.66 11.98
CA GLY A 14 0.04 39.98 13.28
C GLY A 14 0.50 39.05 14.37
N GLY A 15 1.29 38.06 14.04
CA GLY A 15 1.76 37.12 15.04
C GLY A 15 2.55 37.84 16.12
N ASP A 22 3.78 25.56 12.78
CA ASP A 22 2.40 25.22 12.41
C ASP A 22 2.18 23.71 12.35
N THR A 23 1.01 23.29 11.86
CA THR A 23 0.61 21.88 11.86
C THR A 23 1.47 21.06 10.91
N ASP A 24 2.35 21.76 10.14
CA ASP A 24 3.21 21.27 9.07
C ASP A 24 4.67 21.67 9.32
N ASN A 25 5.12 21.69 10.58
CA ASN A 25 6.55 21.72 10.88
C ASN A 25 7.28 22.91 10.20
N ARG A 26 6.63 24.06 10.01
CA ARG A 26 7.28 25.23 9.38
C ARG A 26 7.12 26.41 10.32
N ILE A 27 8.23 27.11 10.60
CA ILE A 27 8.24 28.23 11.53
C ILE A 27 7.90 29.51 10.79
N TRP A 28 7.05 30.33 11.40
CA TRP A 28 6.62 31.59 10.82
C TRP A 28 7.19 32.77 11.61
N ILE A 29 7.02 33.96 11.05
CA ILE A 29 7.50 35.17 11.67
C ILE A 29 6.50 36.29 11.56
N SER A 30 6.31 37.01 12.64
CA SER A 30 5.36 38.10 12.63
C SER A 30 5.84 39.17 11.73
N ASP A 31 4.90 39.96 11.26
CA ASP A 31 5.22 41.08 10.40
C ASP A 31 5.32 42.34 11.23
N VAL A 32 5.17 42.21 12.55
CA VAL A 32 5.17 43.38 13.41
C VAL A 32 6.41 44.26 13.41
N LYS A 33 7.58 43.66 13.49
CA LYS A 33 8.80 44.45 13.50
C LYS A 33 9.64 44.13 12.28
N SER A 34 8.99 43.54 11.30
CA SER A 34 9.65 43.15 10.08
C SER A 34 10.22 44.27 9.26
N LYS A 35 11.40 44.04 8.74
CA LYS A 35 12.01 44.96 7.82
C LYS A 35 11.09 44.96 6.60
N PHE A 36 10.32 43.89 6.42
CA PHE A 36 9.42 43.74 5.32
C PHE A 36 8.35 44.80 5.32
N LEU A 37 7.89 45.19 6.50
CA LEU A 37 6.87 46.24 6.59
C LEU A 37 7.48 47.54 6.15
N SER A 38 6.76 48.32 5.37
CA SER A 38 7.25 49.61 4.92
C SER A 38 6.29 50.72 5.32
N ASP A 43 -2.16 53.61 8.70
CA ASP A 43 -1.39 52.38 8.64
C ASP A 43 -2.28 51.18 8.93
N SER A 44 -1.64 50.02 9.02
CA SER A 44 -2.33 48.78 9.28
C SER A 44 -2.92 48.69 10.67
N LYS A 45 -3.91 47.83 10.84
CA LYS A 45 -4.59 47.62 12.13
C LYS A 45 -4.67 46.13 12.49
N THR A 46 -3.61 45.55 12.99
CA THR A 46 -3.60 44.13 13.28
C THR A 46 -4.75 43.67 14.16
N SER A 47 -5.34 42.54 13.83
CA SER A 47 -6.42 41.99 14.62
C SER A 47 -6.44 40.48 14.59
N PRO A 48 -6.83 39.83 15.75
CA PRO A 48 -6.88 38.37 15.64
C PRO A 48 -8.21 38.01 15.00
N ALA A 49 -8.37 36.78 14.51
CA ALA A 49 -9.62 36.37 13.88
C ALA A 49 -10.80 36.32 14.82
N LEU A 50 -11.91 36.86 14.33
CA LEU A 50 -13.16 36.93 15.06
C LEU A 50 -13.73 35.58 15.40
N THR A 51 -13.71 34.66 14.46
CA THR A 51 -14.25 33.34 14.72
C THR A 51 -13.24 32.26 14.38
N GLN A 52 -13.28 31.17 15.15
CA GLN A 52 -12.38 30.05 14.99
C GLN A 52 -13.08 28.80 14.50
N ASP A 53 -12.57 28.22 13.44
CA ASP A 53 -13.13 27.02 12.88
C ASP A 53 -12.14 25.91 13.13
N PRO A 54 -12.62 24.81 13.81
CA PRO A 54 -11.60 23.78 14.12
C PRO A 54 -10.84 23.31 12.90
N SER A 55 -11.49 23.25 11.76
CA SER A 55 -10.82 22.82 10.56
C SER A 55 -9.68 23.80 10.26
N VAL A 56 -9.77 25.01 10.77
CA VAL A 56 -8.71 25.98 10.51
C VAL A 56 -7.60 26.10 11.53
N PRO A 57 -6.36 26.06 11.08
CA PRO A 57 -5.18 26.18 11.94
C PRO A 57 -4.88 27.64 12.25
N GLU A 58 -4.45 27.90 13.48
CA GLU A 58 -4.24 29.27 13.94
C GLU A 58 -3.19 30.02 13.17
N VAL A 59 -2.12 29.34 12.85
CA VAL A 59 -1.05 29.97 12.14
C VAL A 59 -1.14 29.53 10.73
N PRO A 60 -1.18 30.48 9.82
CA PRO A 60 -1.23 31.90 10.16
C PRO A 60 -2.60 32.50 9.92
N TYR A 61 -3.60 31.65 9.83
CA TYR A 61 -4.94 32.07 9.57
C TYR A 61 -5.62 32.93 10.62
N MET A 62 -5.39 32.63 11.89
CA MET A 62 -6.00 33.39 12.97
C MET A 62 -5.62 34.85 13.07
N THR A 63 -4.37 35.17 12.77
CA THR A 63 -3.88 36.52 12.86
C THR A 63 -3.87 37.24 11.54
N ALA A 64 -4.44 38.42 11.46
CA ALA A 64 -4.46 39.15 10.21
C ALA A 64 -4.07 40.60 10.35
N ARG A 65 -3.63 41.22 9.27
CA ARG A 65 -3.27 42.61 9.28
C ARG A 65 -4.18 43.29 8.28
N VAL A 66 -4.80 44.40 8.65
CA VAL A 66 -5.75 45.03 7.73
C VAL A 66 -5.37 46.39 7.20
N PHE A 67 -5.44 46.49 5.88
CA PHE A 67 -5.07 47.71 5.22
C PHE A 67 -6.24 48.57 4.87
N ARG A 68 -6.33 49.61 5.67
CA ARG A 68 -7.32 50.64 5.57
C ARG A 68 -7.08 51.38 4.25
N SER A 69 -5.82 51.64 3.96
CA SER A 69 -5.37 52.32 2.75
C SER A 69 -4.24 51.52 2.08
N PRO A 70 -3.86 51.89 0.88
CA PRO A 70 -2.85 51.11 0.19
C PRO A 70 -1.63 50.85 1.04
N PHE A 71 -1.12 49.65 0.89
CA PHE A 71 0.07 49.22 1.57
C PHE A 71 0.99 48.56 0.59
N THR A 72 2.27 48.68 0.82
CA THR A 72 3.22 48.04 -0.03
C THR A 72 4.18 47.29 0.82
N TYR A 73 4.48 46.07 0.43
CA TYR A 73 5.41 45.22 1.17
C TYR A 73 6.66 45.07 0.35
N THR A 74 7.79 45.00 1.02
CA THR A 74 9.03 44.79 0.32
C THR A 74 9.79 43.63 0.95
N PHE A 75 10.43 42.82 0.09
CA PHE A 75 11.27 41.70 0.47
C PHE A 75 12.58 41.78 -0.28
N PRO A 76 13.71 41.53 0.39
CA PRO A 76 14.99 41.49 -0.31
C PRO A 76 15.27 40.11 -0.87
N VAL A 77 15.42 40.01 -2.19
CA VAL A 77 15.57 38.72 -2.86
C VAL A 77 16.59 38.84 -3.98
N ALA A 78 17.33 37.76 -4.20
CA ALA A 78 18.25 37.70 -5.32
C ALA A 78 17.46 37.59 -6.63
N SER A 79 18.12 37.94 -7.73
CA SER A 79 17.55 37.74 -9.04
C SER A 79 17.18 36.27 -9.24
N GLY A 80 15.92 36.02 -9.61
CA GLY A 80 15.43 34.67 -9.77
C GLY A 80 13.92 34.63 -9.81
N ARG A 81 13.40 33.40 -9.93
CA ARG A 81 11.97 33.16 -9.91
C ARG A 81 11.54 32.66 -8.53
N LYS A 82 10.41 33.18 -8.07
CA LYS A 82 9.91 32.88 -6.74
C LYS A 82 8.46 32.42 -6.80
N PHE A 83 8.17 31.43 -5.97
CA PHE A 83 6.81 31.18 -5.52
C PHE A 83 6.39 32.30 -4.60
N VAL A 84 5.19 32.83 -4.80
CA VAL A 84 4.64 33.83 -3.89
C VAL A 84 3.23 33.36 -3.56
N ARG A 85 2.95 33.16 -2.28
CA ARG A 85 1.68 32.56 -1.88
C ARG A 85 1.01 33.41 -0.82
N LEU A 86 -0.20 33.85 -1.12
CA LEU A 86 -1.03 34.60 -0.20
C LEU A 86 -1.92 33.63 0.57
N TYR A 87 -2.17 33.97 1.82
CA TYR A 87 -3.02 33.16 2.69
C TYR A 87 -4.20 34.01 3.12
N PHE A 88 -5.42 33.59 2.79
CA PHE A 88 -6.57 34.37 3.23
C PHE A 88 -7.58 33.50 3.96
N TYR A 89 -8.21 34.09 4.96
CA TYR A 89 -9.31 33.47 5.68
C TYR A 89 -10.38 34.53 5.83
N PRO A 90 -11.52 34.40 5.16
CA PRO A 90 -12.55 35.44 5.22
C PRO A 90 -13.12 35.57 6.62
N ASN A 91 -13.08 36.79 7.16
CA ASN A 91 -13.60 37.08 8.49
C ASN A 91 -13.81 38.59 8.68
N GLY A 95 -12.98 44.14 13.44
CA GLY A 95 -14.41 44.18 13.67
C GLY A 95 -15.23 44.43 12.40
N LEU A 96 -14.55 44.57 11.27
CA LEU A 96 -15.17 44.82 9.98
C LEU A 96 -15.96 43.63 9.50
N ASN A 97 -16.89 43.88 8.59
CA ASN A 97 -17.73 42.82 8.02
C ASN A 97 -17.01 42.09 6.91
N ALA A 98 -17.05 40.77 6.95
CA ALA A 98 -16.32 39.96 5.99
C ALA A 98 -16.69 40.13 4.55
N THR A 99 -17.97 40.24 4.22
CA THR A 99 -18.36 40.36 2.82
C THR A 99 -17.80 41.59 2.14
N ASN A 100 -17.73 42.69 2.86
CA ASN A 100 -17.21 43.89 2.28
C ASN A 100 -15.69 44.01 2.37
N SER A 101 -15.01 43.22 1.57
CA SER A 101 -13.58 43.31 1.47
C SER A 101 -13.41 43.13 0.00
N LEU A 102 -12.97 44.16 -0.70
CA LEU A 102 -12.75 44.03 -2.10
C LEU A 102 -11.50 44.81 -2.37
N PHE A 103 -10.52 44.19 -3.01
CA PHE A 103 -9.26 44.84 -3.25
C PHE A 103 -8.46 44.22 -4.36
N SER A 104 -7.29 44.80 -4.56
CA SER A 104 -6.37 44.34 -5.59
C SER A 104 -4.97 44.20 -5.00
N VAL A 105 -4.18 43.32 -5.60
CA VAL A 105 -2.80 43.06 -5.20
C VAL A 105 -1.94 43.15 -6.44
N SER A 106 -0.84 43.91 -6.38
CA SER A 106 0.03 44.11 -7.52
C SER A 106 1.48 43.83 -7.18
N PHE A 107 2.22 43.51 -8.24
CA PHE A 107 3.66 43.25 -8.25
C PHE A 107 4.22 43.78 -9.56
N GLY A 108 5.28 44.58 -9.50
CA GLY A 108 5.96 45.02 -10.69
C GLY A 108 4.96 45.48 -11.72
N PRO A 109 5.08 45.05 -12.97
CA PRO A 109 4.02 45.31 -13.96
C PRO A 109 2.89 44.30 -13.95
N TYR A 110 2.84 43.43 -12.95
CA TYR A 110 1.87 42.35 -12.87
C TYR A 110 0.86 42.65 -11.77
N THR A 111 -0.42 42.65 -12.13
CA THR A 111 -1.49 42.72 -11.15
C THR A 111 -1.92 41.30 -10.83
N LEU A 112 -1.58 40.83 -9.65
CA LEU A 112 -1.95 39.51 -9.20
C LEU A 112 -3.43 39.34 -8.89
N LEU A 113 -4.02 40.31 -8.23
CA LEU A 113 -5.42 40.23 -7.89
C LEU A 113 -6.15 41.55 -8.04
N LYS A 114 -7.41 41.48 -8.46
CA LYS A 114 -8.23 42.67 -8.61
C LYS A 114 -9.66 42.36 -8.27
N ASN A 115 -10.35 43.26 -7.60
CA ASN A 115 -11.77 43.12 -7.28
C ASN A 115 -11.98 41.79 -6.61
N PHE A 116 -11.09 41.46 -5.70
CA PHE A 116 -11.13 40.16 -5.07
C PHE A 116 -11.84 40.08 -3.72
N SER A 117 -12.72 39.10 -3.59
CA SER A 117 -13.45 38.86 -2.36
C SER A 117 -13.02 37.54 -1.81
N ALA A 118 -12.58 37.51 -0.57
CA ALA A 118 -12.12 36.29 0.01
C ALA A 118 -13.31 35.44 0.36
N SER A 119 -14.40 36.07 0.79
CA SER A 119 -15.54 35.30 1.24
C SER A 119 -16.30 34.68 0.06
N GLN A 120 -16.64 35.51 -0.93
CA GLN A 120 -17.34 35.03 -2.12
C GLN A 120 -16.52 33.99 -2.86
N THR A 121 -15.19 34.10 -2.78
CA THR A 121 -14.33 33.08 -3.38
C THR A 121 -14.38 31.81 -2.55
N ALA A 122 -14.32 31.96 -1.21
CA ALA A 122 -13.96 30.86 -0.34
C ALA A 122 -15.11 29.88 -0.19
N GLU A 123 -16.33 30.41 -0.01
CA GLU A 123 -17.47 29.54 0.27
C GLU A 123 -18.26 29.16 -0.99
N ALA A 124 -18.03 29.85 -2.11
CA ALA A 124 -18.41 29.27 -3.39
C ALA A 124 -17.70 27.95 -3.62
N LEU A 125 -16.50 27.82 -3.08
CA LEU A 125 -15.68 26.63 -3.25
C LEU A 125 -15.76 25.69 -2.05
N THR A 126 -16.53 26.05 -1.02
CA THR A 126 -16.69 25.22 0.17
C THR A 126 -15.33 24.98 0.86
N TYR A 127 -14.44 25.97 0.81
CA TYR A 127 -13.23 26.00 1.63
C TYR A 127 -13.41 27.08 2.70
N ALA A 128 -12.93 26.79 3.92
CA ALA A 128 -12.92 27.81 4.95
C ALA A 128 -11.94 28.93 4.59
N PHE A 129 -10.75 28.56 4.14
CA PHE A 129 -9.67 29.49 3.85
C PHE A 129 -9.09 29.18 2.47
N ILE A 130 -8.35 30.15 1.93
CA ILE A 130 -7.78 30.03 0.59
C ILE A 130 -6.29 30.30 0.64
N ILE A 131 -5.56 29.61 -0.23
CA ILE A 131 -4.16 29.88 -0.51
C ILE A 131 -4.05 30.17 -2.00
N LYS A 132 -3.38 31.27 -2.37
CA LYS A 132 -3.16 31.59 -3.77
C LYS A 132 -1.67 31.59 -4.10
N GLU A 133 -1.33 30.91 -5.21
CA GLU A 133 0.04 30.62 -5.58
C GLU A 133 0.40 31.31 -6.88
N PHE A 134 1.57 31.93 -6.92
CA PHE A 134 2.09 32.51 -8.15
C PHE A 134 3.54 32.13 -8.37
N VAL A 135 3.96 32.18 -9.62
CA VAL A 135 5.34 31.94 -9.99
C VAL A 135 5.76 33.20 -10.70
N VAL A 136 6.70 33.93 -10.14
CA VAL A 136 7.14 35.19 -10.72
C VAL A 136 8.64 35.34 -10.78
N ASN A 137 9.11 36.08 -11.77
CA ASN A 137 10.52 36.30 -11.93
C ASN A 137 10.91 37.66 -11.43
N VAL A 138 11.96 37.70 -10.63
CA VAL A 138 12.39 38.95 -10.09
C VAL A 138 13.81 39.33 -10.45
N GLU A 139 13.95 40.51 -11.01
CA GLU A 139 15.23 41.06 -11.37
C GLU A 139 15.47 42.14 -10.34
N GLY A 140 16.65 42.14 -9.76
CA GLY A 140 16.99 43.08 -8.71
C GLY A 140 16.92 42.43 -7.35
N GLY A 141 17.18 43.17 -6.30
CA GLY A 141 17.15 42.57 -4.97
C GLY A 141 15.91 42.80 -4.14
N THR A 142 14.91 43.44 -4.75
CA THR A 142 13.70 43.79 -4.05
C THR A 142 12.43 43.48 -4.82
N LEU A 143 11.31 43.41 -4.11
CA LEU A 143 10.04 43.14 -4.77
C LEU A 143 8.90 44.07 -4.34
N ASN A 144 7.90 44.18 -5.21
CA ASN A 144 6.74 45.03 -4.97
C ASN A 144 5.52 44.26 -4.53
N MET A 145 5.16 44.33 -3.27
CA MET A 145 3.94 43.68 -2.88
C MET A 145 3.03 44.79 -2.37
N THR A 146 2.02 45.15 -3.15
CA THR A 146 1.13 46.23 -2.77
C THR A 146 -0.29 45.79 -2.64
N PHE A 147 -0.91 46.12 -1.53
CA PHE A 147 -2.28 45.74 -1.33
C PHE A 147 -3.11 46.97 -1.39
N THR A 148 -4.11 46.99 -2.26
CA THR A 148 -4.96 48.16 -2.35
C THR A 148 -6.45 47.95 -2.25
N PRO A 149 -7.04 48.41 -1.17
CA PRO A 149 -8.49 48.40 -1.04
C PRO A 149 -9.10 49.15 -2.21
N GLU A 150 -10.05 48.50 -2.88
CA GLU A 150 -10.64 49.05 -4.10
C GLU A 150 -11.40 50.34 -3.77
N SER A 151 -11.04 51.42 -4.45
CA SER A 151 -11.78 52.66 -4.23
C SER A 151 -13.20 52.62 -4.78
N ALA A 152 -13.52 51.63 -5.63
CA ALA A 152 -14.79 51.66 -6.36
C ALA A 152 -16.00 51.70 -5.42
N PRO A 153 -16.22 50.72 -4.53
CA PRO A 153 -17.06 51.02 -3.36
C PRO A 153 -16.23 51.42 -2.14
N SER A 154 -16.86 52.25 -1.30
CA SER A 154 -16.19 52.88 -0.16
C SER A 154 -15.92 51.89 0.96
N ASN A 155 -16.88 51.02 1.24
CA ASN A 155 -16.71 49.93 2.20
C ASN A 155 -15.39 49.20 2.03
N ALA A 156 -14.90 49.10 0.79
CA ALA A 156 -13.87 48.11 0.45
C ALA A 156 -12.57 48.35 1.20
N TYR A 157 -12.03 47.27 1.78
CA TYR A 157 -10.76 47.26 2.49
C TYR A 157 -9.91 46.10 1.98
N ALA A 158 -8.66 46.06 2.42
CA ALA A 158 -7.79 44.95 2.09
C ALA A 158 -7.31 44.27 3.37
N PHE A 159 -6.87 43.03 3.22
CA PHE A 159 -6.26 42.27 4.30
C PHE A 159 -5.47 41.04 3.83
N VAL A 160 -4.52 40.56 4.62
CA VAL A 160 -3.80 39.32 4.30
C VAL A 160 -3.47 38.60 5.58
N ASN A 161 -3.80 37.33 5.69
CA ASN A 161 -3.43 36.57 6.89
C ASN A 161 -1.94 36.27 6.96
N GLY A 162 -1.34 35.94 5.84
CA GLY A 162 0.06 35.61 5.81
C GLY A 162 0.67 35.68 4.43
N ILE A 163 1.99 35.71 4.35
CA ILE A 163 2.66 35.71 3.06
C ILE A 163 3.88 34.82 2.99
N GLU A 164 3.99 34.00 1.95
CA GLU A 164 5.19 33.21 1.73
C GLU A 164 5.88 33.63 0.45
N VAL A 165 7.19 33.86 0.52
CA VAL A 165 8.03 34.01 -0.66
C VAL A 165 9.10 32.93 -0.60
N THR A 166 9.22 32.16 -1.68
CA THR A 166 10.11 31.01 -1.70
C THR A 166 10.91 31.04 -2.99
N SER A 167 12.23 30.84 -2.87
CA SER A 167 13.06 30.71 -4.06
C SER A 167 12.58 29.54 -4.92
N MET A 168 12.92 29.60 -6.20
CA MET A 168 12.43 28.53 -7.03
C MET A 168 13.31 28.44 -8.25
N PRO A 169 13.63 27.25 -8.74
CA PRO A 169 14.24 27.14 -10.05
C PRO A 169 13.27 27.60 -11.12
N ASP A 170 13.79 27.65 -12.33
CA ASP A 170 13.01 27.94 -13.51
C ASP A 170 12.50 26.64 -14.02
N MET A 171 11.63 26.07 -13.21
CA MET A 171 10.94 24.81 -13.41
C MET A 171 9.87 24.72 -14.45
N TYR A 172 9.08 25.78 -14.57
CA TYR A 172 7.95 25.74 -15.47
C TYR A 172 8.02 26.81 -16.55
N SER A 173 8.98 26.67 -17.43
CA SER A 173 9.10 27.54 -18.57
C SER A 173 9.49 26.70 -19.75
N SER A 174 9.01 27.05 -20.93
CA SER A 174 9.34 26.28 -22.10
C SER A 174 9.80 27.21 -23.18
N THR A 175 10.96 27.79 -22.98
CA THR A 175 11.52 28.66 -23.97
C THR A 175 11.94 27.92 -25.23
N ASP A 176 12.52 26.74 -25.07
CA ASP A 176 13.08 25.99 -26.18
C ASP A 176 12.20 25.99 -27.42
N GLY A 177 12.85 26.15 -28.55
CA GLY A 177 12.14 26.35 -29.78
C GLY A 177 11.28 25.25 -30.34
N THR A 178 10.02 25.63 -30.44
CA THR A 178 8.88 24.87 -30.93
C THR A 178 8.42 23.76 -29.98
N LEU A 179 8.89 23.78 -28.74
CA LEU A 179 8.49 22.76 -27.82
C LEU A 179 7.01 22.85 -27.49
N THR A 180 6.51 24.05 -27.31
CA THR A 180 5.10 24.16 -26.98
C THR A 180 4.21 24.95 -27.93
N MET A 181 3.07 24.37 -28.24
CA MET A 181 2.03 25.01 -29.04
C MET A 181 0.68 24.69 -28.40
N VAL A 182 -0.33 25.54 -28.59
CA VAL A 182 -1.64 25.28 -28.02
C VAL A 182 -2.35 24.15 -28.75
N GLY A 183 -3.39 23.60 -28.16
CA GLY A 183 -4.10 22.51 -28.80
C GLY A 183 -5.05 23.01 -29.86
N SER A 184 -4.48 23.28 -31.04
CA SER A 184 -5.12 23.75 -32.27
C SER A 184 -4.03 23.86 -33.30
N THR A 189 3.85 28.47 -28.75
CA THR A 189 3.66 29.22 -27.52
C THR A 189 4.99 29.31 -26.77
N ILE A 190 5.18 30.44 -26.10
CA ILE A 190 6.43 30.75 -25.42
C ILE A 190 6.35 31.24 -23.97
N ASP A 191 7.09 30.62 -23.07
CA ASP A 191 7.12 31.03 -21.67
C ASP A 191 8.46 31.51 -21.19
N ASN A 192 8.58 32.79 -20.97
CA ASN A 192 9.79 33.37 -20.45
C ASN A 192 9.47 34.64 -19.77
N SER A 193 9.73 34.76 -18.49
CA SER A 193 9.43 36.02 -17.83
C SER A 193 7.98 36.43 -18.11
N THR A 194 7.11 35.42 -18.03
CA THR A 194 5.68 35.51 -17.83
C THR A 194 5.35 35.09 -16.40
N ALA A 195 4.22 35.53 -15.89
CA ALA A 195 3.81 35.15 -14.56
C ALA A 195 2.73 34.09 -14.62
N LEU A 196 2.77 33.14 -13.70
CA LEU A 196 1.83 32.06 -13.67
C LEU A 196 1.18 31.98 -12.34
N GLU A 197 -0.09 31.64 -12.33
CA GLU A 197 -0.78 31.43 -11.09
C GLU A 197 -1.17 29.99 -11.09
N ASN A 198 -0.86 29.27 -10.03
CA ASN A 198 -1.24 27.87 -9.98
C ASN A 198 -2.68 27.73 -9.50
N VAL A 199 -3.50 27.04 -10.28
CA VAL A 199 -4.90 26.87 -9.91
C VAL A 199 -5.23 25.44 -9.48
N TYR A 200 -4.50 24.44 -9.98
CA TYR A 200 -4.66 23.07 -9.54
C TYR A 200 -3.30 22.40 -9.49
N ARG A 201 -3.12 21.50 -8.52
CA ARG A 201 -1.91 20.68 -8.39
C ARG A 201 -2.38 19.38 -7.74
N LEU A 202 -2.51 18.33 -8.55
CA LEU A 202 -3.15 17.10 -8.13
C LEU A 202 -2.20 15.92 -8.16
N ASN A 203 -2.30 15.06 -7.15
CA ASN A 203 -1.64 13.76 -7.14
C ASN A 203 -2.67 12.72 -7.58
N VAL A 204 -2.64 12.37 -8.87
CA VAL A 204 -3.70 11.54 -9.44
C VAL A 204 -3.55 10.11 -8.94
N GLY A 205 -4.64 9.58 -8.36
CA GLY A 205 -4.63 8.25 -7.80
C GLY A 205 -3.82 8.12 -6.53
N GLY A 206 -3.40 9.23 -5.93
CA GLY A 206 -2.65 9.21 -4.71
C GLY A 206 -3.29 10.08 -3.64
N ASN A 207 -2.59 10.18 -2.52
CA ASN A 207 -3.10 10.95 -1.41
C ASN A 207 -2.62 12.40 -1.49
N ASP A 208 -3.21 13.24 -0.64
CA ASP A 208 -2.72 14.61 -0.50
C ASP A 208 -1.26 14.61 -0.09
N ILE A 209 -0.57 15.68 -0.45
CA ILE A 209 0.83 15.86 -0.09
C ILE A 209 0.99 17.26 0.46
N SER A 210 1.35 17.34 1.73
CA SER A 210 1.53 18.60 2.39
C SER A 210 2.81 19.27 1.89
N PRO A 211 2.94 20.59 2.05
CA PRO A 211 4.15 21.27 1.55
C PRO A 211 5.46 20.73 2.14
N SER A 212 5.48 20.24 3.38
CA SER A 212 6.71 19.60 3.88
C SER A 212 7.08 18.41 3.02
N ALA A 213 6.10 17.57 2.73
CA ALA A 213 6.31 16.32 2.03
C ALA A 213 6.55 16.53 0.55
N ASP A 214 6.50 17.77 0.08
CA ASP A 214 6.94 18.10 -1.26
C ASP A 214 8.46 17.95 -1.36
N THR A 215 8.95 17.92 -2.60
CA THR A 215 10.38 17.78 -2.85
C THR A 215 11.12 19.10 -2.65
N GLY A 216 10.88 19.77 -1.53
CA GLY A 216 11.62 20.95 -1.19
C GLY A 216 11.10 22.26 -1.77
N LEU A 217 10.04 22.23 -2.57
CA LEU A 217 9.47 23.45 -3.11
C LEU A 217 8.20 23.88 -2.38
N TYR A 218 7.76 23.12 -1.39
CA TYR A 218 6.64 23.48 -0.52
C TYR A 218 5.34 23.68 -1.30
N ARG A 219 5.10 22.83 -2.31
CA ARG A 219 3.86 22.84 -3.05
C ARG A 219 2.88 21.84 -2.46
N SER A 220 1.63 22.26 -2.34
CA SER A 220 0.57 21.35 -1.90
C SER A 220 0.05 20.55 -3.08
N TRP A 221 0.05 19.23 -2.96
CA TRP A 221 -0.59 18.33 -3.92
C TRP A 221 -1.89 17.82 -3.32
N TYR A 222 -2.98 17.90 -4.10
CA TYR A 222 -4.30 17.46 -3.67
C TYR A 222 -4.73 16.21 -4.42
N ASP A 223 -5.48 15.34 -3.73
CA ASP A 223 -6.12 14.21 -4.38
C ASP A 223 -6.98 14.68 -5.56
N ASP A 224 -6.96 13.92 -6.64
CA ASP A 224 -7.64 14.27 -7.88
C ASP A 224 -9.10 13.83 -7.92
N GLN A 225 -9.52 12.97 -6.99
CA GLN A 225 -10.84 12.36 -7.10
C GLN A 225 -12.00 13.35 -7.08
N PRO A 226 -12.01 14.39 -6.24
CA PRO A 226 -13.11 15.36 -6.32
C PRO A 226 -13.30 15.99 -7.70
N TYR A 227 -12.36 15.81 -8.63
CA TYR A 227 -12.45 16.42 -9.95
C TYR A 227 -12.86 15.44 -11.04
N ILE A 228 -13.01 14.16 -10.69
CA ILE A 228 -13.54 13.18 -11.62
C ILE A 228 -14.99 13.55 -11.94
N PHE A 229 -15.37 13.38 -13.21
CA PHE A 229 -16.60 13.98 -13.70
C PHE A 229 -17.84 13.24 -13.19
N GLY A 230 -17.90 11.92 -13.37
CA GLY A 230 -19.10 11.24 -12.92
C GLY A 230 -18.87 10.33 -11.74
N ALA A 231 -19.22 9.06 -11.91
CA ALA A 231 -18.74 8.00 -11.05
C ALA A 231 -17.55 7.27 -11.65
N GLY A 232 -17.06 7.73 -12.81
CA GLY A 232 -16.04 7.02 -13.55
C GLY A 232 -14.64 7.23 -13.00
N LEU A 233 -14.30 6.43 -11.98
CA LEU A 233 -13.03 6.53 -11.28
C LEU A 233 -12.00 5.52 -11.75
N GLY A 234 -12.37 4.60 -12.63
CA GLY A 234 -11.48 3.52 -12.99
C GLY A 234 -10.96 2.78 -11.77
N ILE A 235 -9.64 2.74 -11.62
CA ILE A 235 -8.97 2.25 -10.41
C ILE A 235 -7.73 3.08 -10.15
N PRO A 236 -7.35 3.19 -8.90
CA PRO A 236 -6.02 3.72 -8.56
C PRO A 236 -5.00 2.60 -8.53
N GLU A 237 -3.79 2.95 -8.94
CA GLU A 237 -2.66 2.02 -8.94
C GLU A 237 -1.54 2.61 -8.12
N THR A 238 -0.81 1.75 -7.42
CA THR A 238 0.41 2.18 -6.77
C THR A 238 1.55 1.32 -7.29
N ALA A 239 2.77 1.83 -7.20
CA ALA A 239 3.91 1.00 -7.60
C ALA A 239 4.06 -0.20 -6.68
N ASP A 240 4.61 -1.28 -7.22
CA ASP A 240 4.97 -2.43 -6.42
C ASP A 240 6.13 -2.06 -5.48
N PRO A 241 6.25 -2.76 -4.34
CA PRO A 241 7.35 -2.42 -3.43
C PRO A 241 8.72 -2.69 -4.02
N ASN A 242 8.90 -3.80 -4.74
CA ASN A 242 10.15 -4.06 -5.42
C ASN A 242 10.34 -3.21 -6.68
N MET A 243 9.51 -2.19 -6.88
CA MET A 243 9.68 -1.25 -7.98
C MET A 243 10.24 0.04 -7.42
N THR A 244 11.24 0.59 -8.10
CA THR A 244 11.96 1.77 -7.66
C THR A 244 11.74 2.90 -8.66
N ILE A 245 11.33 4.05 -8.16
CA ILE A 245 11.08 5.16 -9.03
C ILE A 245 12.40 5.78 -9.27
N LYS A 246 12.89 5.74 -10.49
CA LYS A 246 14.16 6.32 -10.80
C LYS A 246 14.00 7.47 -11.71
N TYR A 247 14.42 8.64 -11.29
CA TYR A 247 14.36 9.79 -12.16
C TYR A 247 15.45 9.62 -13.16
N PRO A 248 15.25 10.00 -14.40
CA PRO A 248 16.27 9.80 -15.43
C PRO A 248 17.56 10.53 -15.14
N THR A 249 18.70 9.98 -15.53
CA THR A 249 19.95 10.62 -15.20
C THR A 249 19.98 11.97 -15.85
N GLY A 250 20.37 12.97 -15.08
CA GLY A 250 20.36 14.32 -15.60
C GLY A 250 19.02 15.02 -15.51
N THR A 251 18.14 14.52 -14.66
CA THR A 251 16.85 15.13 -14.45
C THR A 251 16.77 15.59 -13.01
N PRO A 252 16.17 16.74 -12.77
CA PRO A 252 15.97 17.20 -11.42
C PRO A 252 15.00 16.29 -10.79
N THR A 253 15.30 15.86 -9.60
CA THR A 253 14.49 14.95 -8.86
C THR A 253 13.45 15.63 -8.02
N TYR A 254 13.37 16.95 -8.08
CA TYR A 254 12.41 17.68 -7.31
C TYR A 254 11.26 18.06 -8.19
N VAL A 255 11.20 17.55 -9.40
CA VAL A 255 10.13 17.90 -10.33
C VAL A 255 8.76 17.58 -9.73
N ALA A 256 8.64 16.44 -9.05
CA ALA A 256 7.43 16.09 -8.33
C ALA A 256 7.80 15.00 -7.34
N PRO A 257 7.17 14.96 -6.17
CA PRO A 257 7.50 13.91 -5.21
C PRO A 257 7.29 12.52 -5.80
N VAL A 258 8.07 11.56 -5.28
CA VAL A 258 7.96 10.15 -5.70
C VAL A 258 6.58 9.60 -5.41
N ASP A 259 5.92 10.15 -4.39
CA ASP A 259 4.55 9.80 -4.11
C ASP A 259 3.58 10.19 -5.22
N VAL A 260 3.96 11.15 -6.07
CA VAL A 260 3.14 11.49 -7.22
C VAL A 260 3.32 10.44 -8.33
N TYR A 261 4.55 10.03 -8.60
CA TYR A 261 4.80 9.10 -9.68
C TYR A 261 4.55 7.65 -9.31
N SER A 262 4.52 7.33 -8.02
CA SER A 262 4.25 5.96 -7.60
C SER A 262 2.76 5.64 -7.60
N THR A 263 1.92 6.66 -7.64
CA THR A 263 0.48 6.50 -7.66
C THR A 263 -0.10 7.10 -8.92
N ALA A 264 -1.10 6.42 -9.48
CA ALA A 264 -1.70 6.82 -10.74
C ALA A 264 -3.16 6.38 -10.78
N ARG A 265 -3.88 6.82 -11.83
CA ARG A 265 -5.24 6.35 -12.06
C ARG A 265 -5.37 5.78 -13.47
N SER A 266 -6.14 4.68 -13.59
CA SER A 266 -6.35 4.04 -14.89
C SER A 266 -7.79 3.53 -14.99
N MET A 267 -8.11 2.90 -16.11
CA MET A 267 -9.52 2.77 -16.48
C MET A 267 -10.18 1.51 -15.93
N GLY A 268 -9.43 0.43 -15.75
CA GLY A 268 -9.98 -0.77 -15.18
C GLY A 268 -9.53 -2.02 -15.91
N PRO A 269 -9.83 -3.18 -15.33
CA PRO A 269 -9.31 -4.45 -15.87
C PRO A 269 -9.94 -4.92 -17.17
N THR A 270 -11.01 -4.31 -17.64
CA THR A 270 -11.76 -4.83 -18.78
C THR A 270 -11.56 -3.93 -20.00
N ALA A 271 -11.07 -4.52 -21.09
CA ALA A 271 -10.65 -3.73 -22.25
C ALA A 271 -11.84 -3.12 -22.98
N GLN A 272 -12.85 -3.93 -23.30
CA GLN A 272 -14.01 -3.39 -24.01
C GLN A 272 -14.75 -2.34 -23.18
N ILE A 273 -14.74 -2.45 -21.85
CA ILE A 273 -15.31 -1.38 -21.02
C ILE A 273 -14.50 -0.10 -21.19
N ASN A 274 -13.17 -0.22 -21.18
CA ASN A 274 -12.30 0.93 -21.33
C ASN A 274 -12.43 1.57 -22.71
N LEU A 275 -12.92 0.82 -23.71
CA LEU A 275 -13.20 1.45 -25.00
C LEU A 275 -14.44 2.33 -24.97
N ASN A 276 -15.34 2.15 -24.02
CA ASN A 276 -16.62 2.83 -24.10
C ASN A 276 -16.69 4.08 -23.24
N TYR A 277 -15.63 4.42 -22.51
CA TYR A 277 -15.71 5.61 -21.68
C TYR A 277 -14.35 6.31 -21.64
N ASN A 278 -14.39 7.60 -21.35
CA ASN A 278 -13.19 8.40 -21.12
C ASN A 278 -12.95 8.53 -19.63
N LEU A 279 -11.71 8.57 -19.20
CA LEU A 279 -11.41 8.82 -17.80
C LEU A 279 -11.32 10.32 -17.85
N THR A 280 -12.17 11.02 -17.11
CA THR A 280 -12.27 12.46 -17.25
C THR A 280 -12.18 13.26 -15.96
N TRP A 281 -11.61 14.45 -16.06
CA TRP A 281 -11.54 15.40 -14.99
C TRP A 281 -11.99 16.72 -15.50
N ILE A 282 -12.52 17.53 -14.63
CA ILE A 282 -13.00 18.86 -15.01
C ILE A 282 -12.51 19.87 -13.98
N PHE A 283 -12.03 21.01 -14.48
CA PHE A 283 -11.45 22.05 -13.63
C PHE A 283 -12.04 23.40 -14.02
N SER A 284 -12.74 24.00 -13.07
CA SER A 284 -13.24 25.35 -13.27
C SER A 284 -12.08 26.35 -13.32
N ILE A 285 -12.11 27.24 -14.32
CA ILE A 285 -11.01 28.13 -14.67
C ILE A 285 -11.58 29.51 -14.99
N ASP A 286 -10.73 30.52 -14.90
CA ASP A 286 -11.09 31.86 -15.33
C ASP A 286 -10.95 31.99 -16.85
N SER A 287 -11.89 32.70 -17.46
CA SER A 287 -11.87 32.89 -18.90
C SER A 287 -10.94 34.04 -19.28
N GLY A 288 -10.68 34.17 -20.58
CA GLY A 288 -9.82 35.22 -21.09
C GLY A 288 -8.33 34.95 -20.99
N PHE A 289 -7.93 33.84 -20.41
CA PHE A 289 -6.52 33.49 -20.26
C PHE A 289 -6.20 32.23 -21.04
N THR A 290 -4.90 31.95 -21.14
CA THR A 290 -4.38 30.70 -21.66
C THR A 290 -3.71 29.93 -20.52
N TYR A 291 -3.75 28.61 -20.60
CA TYR A 291 -3.45 27.75 -19.46
C TYR A 291 -2.34 26.77 -19.77
N LEU A 292 -1.38 26.67 -18.85
CA LEU A 292 -0.31 25.69 -18.92
C LEU A 292 -0.73 24.45 -18.14
N VAL A 293 -0.70 23.30 -18.80
CA VAL A 293 -1.13 22.04 -18.21
C VAL A 293 0.07 21.09 -18.27
N ARG A 294 0.68 20.83 -17.14
CA ARG A 294 1.77 19.87 -17.04
C ARG A 294 1.17 18.55 -16.55
N LEU A 295 1.27 17.53 -17.39
CA LEU A 295 0.79 16.21 -17.02
C LEU A 295 1.98 15.33 -16.64
N HIS A 296 1.79 14.52 -15.60
CA HIS A 296 2.85 13.74 -14.96
C HIS A 296 2.56 12.27 -15.14
N PHE A 297 3.57 11.52 -15.61
CA PHE A 297 3.46 10.12 -15.98
C PHE A 297 4.59 9.30 -15.38
N CYS A 298 4.29 8.03 -15.15
CA CYS A 298 5.24 7.03 -14.71
C CYS A 298 4.47 5.73 -14.77
N GLU A 299 4.97 4.75 -15.51
CA GLU A 299 4.32 3.46 -15.61
C GLU A 299 4.64 2.62 -14.37
N VAL A 300 3.64 2.47 -13.49
CA VAL A 300 3.77 1.70 -12.25
C VAL A 300 3.29 0.26 -12.35
N SER A 301 2.58 -0.10 -13.41
CA SER A 301 2.07 -1.46 -13.49
C SER A 301 3.18 -2.47 -13.74
N SER A 302 3.10 -3.62 -13.07
CA SER A 302 4.06 -4.70 -13.32
C SER A 302 3.88 -5.28 -14.71
N ASN A 303 2.67 -5.21 -15.28
CA ASN A 303 2.40 -5.82 -16.57
C ASN A 303 2.99 -5.00 -17.71
N ILE A 304 3.04 -3.68 -17.56
CA ILE A 304 3.50 -2.79 -18.62
C ILE A 304 5.01 -2.64 -18.50
N THR A 305 5.76 -3.25 -19.42
CA THR A 305 7.21 -3.08 -19.42
C THR A 305 7.76 -2.81 -20.81
N LYS A 306 6.95 -2.90 -21.87
CA LYS A 306 7.38 -2.77 -23.25
C LYS A 306 6.47 -1.79 -23.98
N ILE A 307 6.89 -1.39 -25.18
CA ILE A 307 6.10 -0.47 -25.96
C ILE A 307 4.85 -1.15 -26.49
N ASN A 308 3.87 -0.34 -26.89
CA ASN A 308 2.63 -0.80 -27.50
C ASN A 308 1.88 -1.77 -26.59
N GLN A 309 2.00 -1.58 -25.28
CA GLN A 309 1.14 -2.28 -24.33
C GLN A 309 0.03 -1.37 -23.83
N ARG A 310 0.38 -0.19 -23.33
CA ARG A 310 -0.59 0.84 -22.94
C ARG A 310 -0.39 2.07 -23.83
N VAL A 311 -1.32 2.31 -24.75
CA VAL A 311 -1.31 3.50 -25.59
C VAL A 311 -2.66 4.19 -25.48
N PHE A 312 -2.64 5.51 -25.31
CA PHE A 312 -3.86 6.25 -25.06
C PHE A 312 -3.74 7.65 -25.64
N THR A 313 -4.91 8.23 -25.90
CA THR A 313 -5.10 9.59 -26.39
C THR A 313 -5.47 10.50 -25.23
N ILE A 314 -4.87 11.69 -25.21
CA ILE A 314 -5.16 12.75 -24.26
C ILE A 314 -5.92 13.86 -24.98
N TYR A 315 -7.11 14.18 -24.49
CA TYR A 315 -7.91 15.31 -24.96
C TYR A 315 -7.91 16.41 -23.90
N LEU A 316 -7.63 17.63 -24.32
CA LEU A 316 -7.70 18.78 -23.44
C LEU A 316 -8.77 19.67 -24.02
N ASN A 317 -9.76 20.00 -23.20
CA ASN A 317 -10.92 20.82 -23.57
C ASN A 317 -11.69 20.31 -24.75
N ASN A 318 -11.91 18.99 -24.77
CA ASN A 318 -12.65 18.22 -25.79
C ASN A 318 -11.91 18.06 -27.11
N GLN A 319 -10.64 18.37 -27.12
CA GLN A 319 -9.84 18.32 -28.31
C GLN A 319 -8.56 17.62 -28.02
N THR A 320 -7.97 17.04 -29.05
CA THR A 320 -6.79 16.26 -28.89
C THR A 320 -5.47 16.97 -28.66
N ALA A 321 -4.89 16.70 -27.52
CA ALA A 321 -3.55 17.18 -27.18
C ALA A 321 -2.48 16.15 -27.49
N GLU A 322 -2.80 14.85 -27.33
CA GLU A 322 -1.86 13.77 -27.63
C GLU A 322 -2.60 12.63 -28.31
N PRO A 323 -2.31 12.34 -29.58
CA PRO A 323 -2.98 11.23 -30.27
C PRO A 323 -2.67 9.85 -29.70
N GLU A 324 -1.40 9.60 -29.42
CA GLU A 324 -0.94 8.29 -28.92
C GLU A 324 0.12 8.55 -27.87
N ALA A 325 -0.23 8.31 -26.60
CA ALA A 325 0.71 8.44 -25.49
C ALA A 325 1.10 7.04 -25.04
N ASP A 326 2.33 6.66 -25.32
CA ASP A 326 2.94 5.43 -24.83
C ASP A 326 4.01 5.87 -23.84
N VAL A 327 3.79 5.55 -22.56
CA VAL A 327 4.71 6.00 -21.53
C VAL A 327 6.07 5.31 -21.68
N ILE A 328 6.09 4.09 -22.20
CA ILE A 328 7.37 3.42 -22.40
C ILE A 328 8.16 4.11 -23.50
N ALA A 329 7.51 4.43 -24.63
CA ALA A 329 8.19 5.20 -25.67
C ALA A 329 8.73 6.50 -25.11
N TRP A 330 8.00 7.10 -24.17
CA TRP A 330 8.48 8.32 -23.53
C TRP A 330 9.67 8.06 -22.62
N THR A 331 9.77 6.86 -22.03
CA THR A 331 10.74 6.61 -20.97
C THR A 331 11.60 5.37 -21.13
N SER A 332 11.18 4.36 -21.90
CA SER A 332 11.84 3.09 -22.21
C SER A 332 11.81 2.07 -21.07
N SER A 333 11.29 2.41 -19.89
CA SER A 333 11.33 1.45 -18.81
C SER A 333 10.15 1.68 -17.87
N ASN A 334 9.91 0.68 -17.02
CA ASN A 334 9.00 0.79 -15.89
C ASN A 334 9.49 1.86 -14.90
N GLY A 335 8.57 2.33 -14.06
CA GLY A 335 8.88 3.13 -12.89
C GLY A 335 9.83 4.31 -13.02
N VAL A 336 9.92 4.88 -14.22
CA VAL A 336 10.73 6.07 -14.46
C VAL A 336 9.80 7.25 -14.75
N PRO A 337 9.90 8.34 -14.01
CA PRO A 337 9.00 9.47 -14.22
C PRO A 337 9.24 10.21 -15.53
N PHE A 338 8.22 10.97 -15.91
CA PHE A 338 8.21 11.78 -17.13
C PHE A 338 7.08 12.79 -16.97
N HIS A 339 7.11 13.83 -17.79
CA HIS A 339 6.05 14.82 -17.79
C HIS A 339 6.07 15.58 -19.10
N LYS A 340 4.94 16.22 -19.41
CA LYS A 340 4.81 16.98 -20.64
C LYS A 340 3.93 18.19 -20.42
N ASP A 341 4.33 19.32 -21.01
CA ASP A 341 3.58 20.58 -20.91
C ASP A 341 2.73 20.80 -22.15
N TYR A 342 1.51 21.28 -21.94
CA TYR A 342 0.59 21.67 -22.99
C TYR A 342 0.04 23.06 -22.68
N VAL A 343 -0.53 23.71 -23.69
CA VAL A 343 -1.20 24.99 -23.50
C VAL A 343 -2.61 24.87 -24.05
N VAL A 344 -3.58 25.19 -23.21
CA VAL A 344 -4.99 25.18 -23.59
C VAL A 344 -5.45 26.62 -23.71
N ASN A 345 -6.12 26.94 -24.81
CA ASN A 345 -6.65 28.28 -24.99
C ASN A 345 -8.17 28.18 -25.02
N PRO A 346 -8.84 28.38 -23.88
CA PRO A 346 -10.28 28.08 -23.78
C PRO A 346 -11.10 28.97 -24.69
N PRO A 347 -12.31 28.53 -25.05
CA PRO A 347 -13.11 29.27 -26.03
C PRO A 347 -13.85 30.49 -25.49
N GLU A 348 -13.18 31.31 -24.68
CA GLU A 348 -13.72 32.62 -24.27
C GLU A 348 -15.15 32.54 -23.74
N GLN A 352 -15.26 30.58 -13.84
CA GLN A 352 -16.17 31.05 -14.88
C GLN A 352 -16.27 30.06 -16.04
N GLN A 353 -15.41 29.05 -16.06
CA GLN A 353 -15.42 28.07 -17.14
C GLN A 353 -14.86 26.71 -16.75
N ASP A 354 -15.34 25.66 -17.41
CA ASP A 354 -14.91 24.32 -17.12
C ASP A 354 -13.90 23.82 -18.13
N LEU A 355 -12.79 23.34 -17.63
CA LEU A 355 -11.71 22.83 -18.45
C LEU A 355 -11.71 21.33 -18.33
N TRP A 356 -11.85 20.66 -19.44
CA TRP A 356 -11.92 19.24 -19.48
C TRP A 356 -10.66 18.56 -19.81
N LEU A 357 -10.39 17.49 -19.07
CA LEU A 357 -9.26 16.66 -19.32
C LEU A 357 -9.81 15.26 -19.43
N ALA A 358 -9.40 14.53 -20.44
CA ALA A 358 -9.88 13.19 -20.61
C ALA A 358 -8.88 12.36 -21.34
N LEU A 359 -8.88 11.07 -21.05
CA LEU A 359 -8.00 10.14 -21.68
C LEU A 359 -8.77 8.96 -22.20
N HIS A 360 -8.34 8.41 -23.31
CA HIS A 360 -8.97 7.26 -23.89
C HIS A 360 -7.95 6.38 -24.53
N PRO A 361 -8.16 5.09 -24.56
CA PRO A 361 -7.22 4.19 -25.17
C PRO A 361 -7.15 4.30 -26.68
N ASN A 362 -5.98 4.13 -27.27
CA ASN A 362 -5.88 4.17 -28.71
C ASN A 362 -5.59 2.76 -29.14
N PRO A 363 -6.50 2.17 -29.88
CA PRO A 363 -6.34 0.79 -30.30
C PRO A 363 -5.74 0.64 -31.64
N VAL A 364 -5.53 1.73 -32.34
CA VAL A 364 -4.84 1.66 -33.60
C VAL A 364 -3.43 1.28 -33.23
N ASN A 365 -2.84 0.39 -34.02
CA ASN A 365 -1.53 -0.28 -33.86
C ASN A 365 -1.58 -1.48 -32.93
N LYS A 366 -2.78 -1.82 -32.50
CA LYS A 366 -3.06 -2.98 -31.68
C LYS A 366 -2.27 -3.29 -30.44
N PRO A 367 -2.39 -2.43 -29.45
CA PRO A 367 -1.73 -2.63 -28.18
C PRO A 367 -2.32 -3.76 -27.40
N GLU A 368 -1.50 -4.28 -26.52
CA GLU A 368 -1.80 -5.39 -25.65
C GLU A 368 -2.94 -5.14 -24.70
N TYR A 369 -3.00 -3.92 -24.19
CA TYR A 369 -4.06 -3.54 -23.29
C TYR A 369 -4.71 -2.30 -23.80
N TYR A 370 -5.98 -2.16 -23.46
CA TYR A 370 -6.70 -0.99 -23.83
C TYR A 370 -6.83 -0.32 -22.51
N ASP A 371 -6.06 0.71 -22.28
CA ASP A 371 -6.06 1.39 -21.01
C ASP A 371 -5.51 2.81 -21.13
N SER A 372 -5.55 3.54 -20.03
CA SER A 372 -5.01 4.87 -19.94
C SER A 372 -4.36 5.11 -18.60
N LEU A 373 -3.50 6.11 -18.48
CA LEU A 373 -2.83 6.37 -17.24
C LEU A 373 -2.49 7.79 -16.97
N LEU A 374 -2.50 8.17 -15.71
CA LEU A 374 -2.13 9.51 -15.30
C LEU A 374 -1.61 9.51 -13.86
N ASN A 375 -0.56 10.25 -13.59
CA ASN A 375 0.03 10.28 -12.26
C ASN A 375 -0.10 11.62 -11.58
N GLY A 376 -0.07 12.68 -12.33
CA GLY A 376 -0.23 13.98 -11.68
C GLY A 376 -0.61 15.06 -12.67
N VAL A 377 -1.18 16.14 -12.14
CA VAL A 377 -1.65 17.25 -12.95
C VAL A 377 -1.23 18.55 -12.29
N GLU A 378 -0.81 19.49 -13.11
CA GLU A 378 -0.49 20.85 -12.68
C GLU A 378 -1.04 21.83 -13.71
N ILE A 379 -1.90 22.74 -13.27
CA ILE A 379 -2.50 23.72 -14.17
C ILE A 379 -2.19 25.12 -13.65
N PHE A 380 -1.65 25.96 -14.54
CA PHE A 380 -1.31 27.33 -14.24
C PHE A 380 -2.02 28.26 -15.22
N LYS A 381 -2.32 29.45 -14.73
CA LYS A 381 -2.94 30.48 -15.53
C LYS A 381 -1.79 31.33 -15.99
N MET A 382 -1.74 31.59 -17.27
CA MET A 382 -0.67 32.38 -17.83
C MET A 382 -1.07 33.82 -17.94
N ASN A 383 -0.18 34.71 -17.55
CA ASN A 383 -0.48 36.12 -17.61
C ASN A 383 -0.62 36.56 -19.04
N THR A 384 -1.68 37.33 -19.30
CA THR A 384 -1.97 37.79 -20.65
C THR A 384 -1.17 39.01 -20.98
N SER A 385 -0.52 38.95 -22.15
CA SER A 385 0.34 40.00 -22.70
C SER A 385 1.30 40.18 -21.57
N ASP A 386 1.30 41.42 -21.11
CA ASP A 386 1.99 41.79 -19.90
C ASP A 386 0.83 42.54 -19.21
N GLY A 387 0.47 42.09 -18.02
CA GLY A 387 -0.68 42.64 -17.36
C GLY A 387 -1.34 41.66 -16.42
N ASN A 388 -2.66 41.64 -16.46
CA ASN A 388 -3.51 40.88 -15.55
C ASN A 388 -3.39 39.37 -15.43
N LEU A 389 -3.46 38.91 -14.19
CA LEU A 389 -3.58 37.54 -13.85
C LEU A 389 -4.86 37.43 -13.03
N ALA A 390 -5.65 38.49 -12.95
CA ALA A 390 -6.84 38.41 -12.12
C ALA A 390 -8.08 38.07 -12.93
N GLY A 391 -8.92 37.22 -12.36
CA GLY A 391 -10.17 36.81 -12.98
C GLY A 391 -11.37 37.26 -12.15
N THR A 392 -12.54 36.86 -12.63
CA THR A 392 -13.79 37.21 -11.97
C THR A 392 -13.90 36.53 -10.62
N ASN A 393 -14.76 37.09 -9.76
CA ASN A 393 -15.03 36.45 -8.48
C ASN A 393 -16.04 35.33 -8.66
N PRO A 394 -15.79 34.17 -8.05
CA PRO A 394 -16.66 33.00 -8.26
C PRO A 394 -18.07 33.19 -7.75
N ILE A 395 -19.03 33.24 -8.67
CA ILE A 395 -20.44 33.17 -8.31
C ILE A 395 -20.69 31.80 -7.69
N PRO A 396 -21.19 31.72 -6.45
CA PRO A 396 -21.49 30.43 -5.82
C PRO A 396 -22.74 29.77 -6.37
N THR B 1 -28.22 0.45 7.33
CA THR B 1 -29.61 0.82 7.11
C THR B 1 -30.06 -0.06 5.99
N THR B 2 -30.60 -1.22 6.31
CA THR B 2 -30.99 -2.14 5.26
C THR B 2 -32.06 -1.55 4.36
N CYS B 3 -31.93 -1.71 3.11
CA CYS B 3 -32.82 -1.16 2.13
C CYS B 3 -34.28 -1.41 2.37
N LYS B 4 -35.01 -0.42 2.17
CA LYS B 4 -36.42 -0.33 2.31
C LYS B 4 -37.06 -1.21 1.26
N GLU B 5 -36.57 -1.09 0.03
CA GLU B 5 -37.05 -1.83 -1.13
C GLU B 5 -36.43 -3.19 -1.21
N ASP B 6 -37.07 -4.14 -1.87
CA ASP B 6 -36.49 -5.46 -1.94
C ASP B 6 -35.97 -5.61 -3.33
N PHE B 7 -34.70 -5.93 -3.46
CA PHE B 7 -34.09 -6.05 -4.76
C PHE B 7 -33.85 -7.45 -5.17
N ALA B 8 -34.09 -8.38 -4.28
CA ALA B 8 -33.86 -9.79 -4.60
C ALA B 8 -34.86 -10.30 -5.63
N ASN B 9 -36.12 -9.93 -5.49
CA ASN B 9 -37.20 -10.48 -6.29
C ASN B 9 -37.58 -9.61 -7.48
N LYS B 10 -36.78 -8.58 -7.77
CA LYS B 10 -37.06 -7.75 -8.92
C LYS B 10 -36.65 -8.49 -10.20
N ASN B 11 -37.22 -8.05 -11.32
CA ASN B 11 -37.05 -8.69 -12.61
C ASN B 11 -35.96 -7.94 -13.39
N TYR B 12 -34.77 -8.52 -13.42
CA TYR B 12 -33.59 -7.86 -13.98
C TYR B 12 -33.45 -8.06 -15.49
N THR B 13 -34.44 -8.68 -16.13
CA THR B 13 -34.39 -8.89 -17.56
C THR B 13 -34.23 -7.58 -18.31
N ILE B 14 -34.87 -6.51 -17.81
CA ILE B 14 -34.71 -5.15 -18.31
C ILE B 14 -33.26 -4.92 -18.71
N ILE B 15 -32.35 -5.31 -17.82
CA ILE B 15 -30.92 -5.14 -18.08
C ILE B 15 -30.35 -6.34 -18.83
N THR B 16 -30.69 -7.57 -18.39
CA THR B 16 -29.88 -8.71 -18.79
C THR B 16 -30.01 -9.02 -20.28
N SER B 17 -31.18 -8.76 -20.84
CA SER B 17 -31.47 -9.06 -22.23
C SER B 17 -31.12 -7.92 -23.18
N ARG B 18 -30.61 -6.80 -22.64
CA ARG B 18 -30.17 -5.67 -23.45
C ARG B 18 -28.69 -5.36 -23.29
N CYS B 19 -28.18 -5.30 -22.06
CA CYS B 19 -26.76 -5.10 -21.79
C CYS B 19 -26.10 -6.47 -21.78
N LYS B 20 -25.21 -6.73 -22.75
CA LYS B 20 -24.92 -8.12 -23.11
C LYS B 20 -23.47 -8.27 -23.53
N GLY B 21 -23.18 -9.46 -24.09
CA GLY B 21 -22.13 -9.64 -25.07
C GLY B 21 -20.75 -9.49 -24.51
N PRO B 22 -19.76 -9.56 -25.40
CA PRO B 22 -18.38 -9.26 -25.00
C PRO B 22 -18.11 -7.76 -24.96
N ASN B 23 -18.89 -7.01 -25.73
CA ASN B 23 -18.84 -5.56 -25.73
C ASN B 23 -20.04 -5.08 -24.95
N TYR B 24 -19.84 -4.09 -24.11
CA TYR B 24 -20.99 -3.65 -23.34
C TYR B 24 -21.33 -2.25 -23.79
N PRO B 25 -22.02 -2.12 -24.92
CA PRO B 25 -22.24 -0.81 -25.52
C PRO B 25 -22.79 0.17 -24.49
N ALA B 26 -22.12 1.33 -24.40
CA ALA B 26 -22.46 2.30 -23.36
C ALA B 26 -23.92 2.75 -23.46
N ASN B 27 -24.38 3.08 -24.67
CA ASN B 27 -25.74 3.61 -24.81
C ASN B 27 -26.78 2.55 -24.46
N VAL B 28 -26.63 1.34 -25.01
CA VAL B 28 -27.58 0.26 -24.72
C VAL B 28 -27.60 -0.05 -23.22
N CYS B 29 -26.41 -0.22 -22.63
CA CYS B 29 -26.31 -0.64 -21.23
C CYS B 29 -26.84 0.44 -20.29
N CYS B 30 -26.52 1.71 -20.57
CA CYS B 30 -27.00 2.76 -19.70
C CYS B 30 -28.50 2.99 -19.87
N SER B 31 -29.04 2.82 -21.09
CA SER B 31 -30.48 2.85 -21.26
C SER B 31 -31.16 1.77 -20.42
N ALA B 32 -30.63 0.55 -20.47
CA ALA B 32 -31.23 -0.56 -19.74
C ALA B 32 -31.18 -0.31 -18.24
N PHE B 33 -30.02 0.14 -17.74
CA PHE B 33 -29.87 0.43 -16.31
C PHE B 33 -30.84 1.50 -15.86
N LYS B 34 -30.93 2.60 -16.62
CA LYS B 34 -31.88 3.64 -16.28
C LYS B 34 -33.31 3.09 -16.24
N ASP B 35 -33.72 2.38 -17.30
CA ASP B 35 -35.04 1.76 -17.31
C ASP B 35 -35.32 0.98 -16.02
N PHE B 36 -34.32 0.25 -15.52
CA PHE B 36 -34.56 -0.57 -14.34
C PHE B 36 -34.57 0.23 -13.05
N ALA B 37 -33.66 1.19 -12.90
CA ALA B 37 -33.41 1.78 -11.59
C ALA B 37 -33.94 3.20 -11.43
N CYS B 38 -34.36 3.85 -12.50
CA CYS B 38 -35.02 5.14 -12.38
C CYS B 38 -36.26 5.14 -11.50
N PRO B 39 -37.12 4.11 -11.51
CA PRO B 39 -38.28 4.12 -10.60
C PRO B 39 -37.90 4.09 -9.12
N PHE B 40 -36.63 3.82 -8.78
CA PHE B 40 -36.19 3.85 -7.40
C PHE B 40 -35.10 4.89 -7.19
N ALA B 41 -35.09 5.92 -8.06
CA ALA B 41 -34.12 7.00 -7.93
C ALA B 41 -34.16 7.62 -6.54
N GLU B 42 -35.35 7.67 -5.94
CA GLU B 42 -35.53 8.29 -4.63
C GLU B 42 -34.73 7.55 -3.57
N VAL B 43 -34.96 6.24 -3.44
CA VAL B 43 -34.26 5.48 -2.41
C VAL B 43 -32.78 5.35 -2.76
N LEU B 44 -32.38 5.10 -3.98
CA LEU B 44 -30.95 4.94 -4.28
C LEU B 44 -30.13 6.16 -3.97
N ASN B 45 -30.68 7.30 -4.30
CA ASN B 45 -30.03 8.58 -4.15
C ASN B 45 -29.83 9.00 -2.72
N ASP B 46 -30.47 8.31 -1.80
CA ASP B 46 -30.34 8.64 -0.41
C ASP B 46 -29.14 7.90 0.15
N GLU B 47 -28.16 8.67 0.60
CA GLU B 47 -26.91 8.14 1.09
C GLU B 47 -27.03 7.24 2.31
N LYS B 48 -28.01 7.50 3.16
CA LYS B 48 -28.21 6.73 4.37
C LYS B 48 -28.54 5.27 4.13
N ASN B 49 -29.24 4.98 3.04
CA ASN B 49 -29.63 3.61 2.77
C ASN B 49 -28.56 2.64 2.32
N ASP B 50 -28.84 1.38 2.54
CA ASP B 50 -28.01 0.28 2.12
C ASP B 50 -28.42 -0.24 0.76
N CYS B 51 -29.39 0.39 0.12
CA CYS B 51 -29.90 -0.07 -1.16
C CYS B 51 -29.06 -0.01 -2.43
N ALA B 52 -28.37 1.09 -2.74
CA ALA B 52 -27.61 1.13 -3.99
C ALA B 52 -26.58 0.03 -4.11
N SER B 53 -25.87 -0.24 -3.05
CA SER B 53 -24.90 -1.32 -3.07
C SER B 53 -25.57 -2.65 -3.21
N THR B 54 -26.71 -2.83 -2.58
CA THR B 54 -27.42 -4.08 -2.70
C THR B 54 -27.94 -4.27 -4.09
N MET B 55 -28.38 -3.21 -4.72
CA MET B 55 -28.85 -3.31 -6.08
C MET B 55 -27.78 -3.70 -7.07
N PHE B 56 -26.65 -3.02 -7.01
CA PHE B 56 -25.58 -3.29 -7.93
C PHE B 56 -25.11 -4.69 -7.72
N SER B 57 -25.09 -5.12 -6.50
CA SER B 57 -24.75 -6.51 -6.22
C SER B 57 -25.63 -7.46 -7.03
N TYR B 58 -26.95 -7.21 -7.01
CA TYR B 58 -27.85 -8.13 -7.72
C TYR B 58 -27.70 -7.99 -9.23
N ILE B 59 -27.60 -6.75 -9.72
CA ILE B 59 -27.38 -6.50 -11.13
C ILE B 59 -26.17 -7.27 -11.65
N ASN B 60 -25.04 -7.14 -10.94
CA ASN B 60 -23.81 -7.82 -11.34
C ASN B 60 -23.89 -9.32 -11.11
N LEU B 61 -24.75 -9.79 -10.22
CA LEU B 61 -24.86 -11.23 -10.02
C LEU B 61 -25.67 -11.89 -11.12
N TYR B 62 -26.83 -11.31 -11.46
CA TYR B 62 -27.66 -11.90 -12.49
C TYR B 62 -27.10 -11.66 -13.89
N GLY B 63 -26.34 -10.58 -14.09
CA GLY B 63 -25.73 -10.38 -15.38
C GLY B 63 -24.33 -10.92 -15.55
N ARG B 64 -23.66 -11.32 -14.47
CA ARG B 64 -22.24 -11.65 -14.52
C ARG B 64 -21.46 -10.52 -15.20
N TYR B 65 -21.79 -9.29 -14.81
CA TYR B 65 -21.20 -8.13 -15.44
C TYR B 65 -19.80 -7.85 -14.87
N PRO B 66 -18.92 -7.26 -15.69
CA PRO B 66 -17.61 -6.78 -15.21
C PRO B 66 -17.77 -5.76 -14.09
N PRO B 67 -16.67 -5.32 -13.46
CA PRO B 67 -16.80 -4.83 -12.08
C PRO B 67 -17.47 -3.47 -11.95
N GLY B 68 -17.19 -2.51 -12.84
CA GLY B 68 -17.71 -1.19 -12.56
C GLY B 68 -18.31 -0.50 -13.77
N ILE B 69 -18.98 -1.28 -14.63
CA ILE B 69 -19.33 -0.82 -15.96
C ILE B 69 -20.32 0.34 -15.89
N PHE B 70 -21.25 0.31 -14.93
CA PHE B 70 -22.27 1.34 -14.87
C PHE B 70 -21.67 2.64 -14.34
N ALA B 71 -20.97 2.58 -13.21
CA ALA B 71 -20.25 3.74 -12.69
C ALA B 71 -19.33 4.35 -13.74
N ASN B 72 -18.69 3.52 -14.56
CA ASN B 72 -17.66 4.01 -15.46
C ASN B 72 -18.22 4.56 -16.77
N MET B 73 -19.21 3.92 -17.38
CA MET B 73 -19.61 4.38 -18.71
C MET B 73 -20.95 5.09 -18.75
N CYS B 74 -21.63 5.27 -17.62
CA CYS B 74 -22.92 5.95 -17.56
C CYS B 74 -22.74 7.34 -16.97
N LYS B 75 -22.88 8.36 -17.82
CA LYS B 75 -22.73 9.75 -17.43
C LYS B 75 -23.51 10.59 -18.41
N GLU B 76 -24.08 11.67 -17.94
CA GLU B 76 -24.96 12.47 -18.75
C GLU B 76 -24.69 13.92 -18.64
N GLY B 77 -24.79 14.36 -17.42
CA GLY B 77 -24.64 15.74 -17.07
C GLY B 77 -24.25 15.86 -15.63
N LYS B 78 -24.07 17.09 -15.19
CA LYS B 78 -23.64 17.32 -13.83
C LYS B 78 -24.59 16.81 -12.78
N GLU B 79 -25.88 16.91 -13.04
CA GLU B 79 -26.95 16.46 -12.13
C GLU B 79 -27.02 14.98 -11.87
N GLY B 80 -26.73 14.21 -12.89
CA GLY B 80 -26.78 12.77 -12.87
C GLY B 80 -27.51 12.25 -14.08
N LEU B 81 -28.09 11.06 -13.98
CA LEU B 81 -28.86 10.47 -15.08
C LEU B 81 -30.29 10.95 -14.97
N ASP B 82 -30.84 11.43 -16.08
CA ASP B 82 -32.15 12.05 -16.05
C ASP B 82 -33.34 11.25 -15.59
N CYS B 83 -33.53 10.05 -16.06
CA CYS B 83 -34.65 9.24 -15.57
C CYS B 83 -36.07 9.86 -15.64
N THR B 84 -36.36 10.67 -16.64
CA THR B 84 -37.71 11.21 -16.82
C THR B 84 -38.10 11.10 -18.29
N ARG C 1 -36.19 14.38 -11.76
CA ARG C 1 -35.34 13.53 -10.92
C ARG C 1 -34.20 12.85 -11.70
N TYR C 2 -33.15 12.49 -10.98
CA TYR C 2 -31.94 11.91 -11.56
C TYR C 2 -31.45 10.75 -10.71
N ILE C 3 -30.76 9.81 -11.35
CA ILE C 3 -29.89 8.91 -10.62
C ILE C 3 -28.59 9.64 -10.34
N SER C 4 -28.29 9.88 -9.08
CA SER C 4 -27.13 10.66 -8.73
C SER C 4 -25.86 9.85 -8.88
N TYR C 5 -24.76 10.55 -9.19
CA TYR C 5 -23.46 9.90 -9.27
C TYR C 5 -23.03 9.30 -7.94
N GLY C 6 -23.53 9.80 -6.81
CA GLY C 6 -23.25 9.14 -5.54
C GLY C 6 -23.75 7.70 -5.52
N ALA C 7 -24.96 7.49 -6.06
CA ALA C 7 -25.47 6.13 -6.17
C ALA C 7 -24.61 5.31 -7.14
N LEU C 8 -24.24 5.91 -8.27
CA LEU C 8 -23.40 5.21 -9.24
C LEU C 8 -22.07 4.79 -8.63
N ARG C 9 -21.51 5.62 -7.74
CA ARG C 9 -20.25 5.33 -7.07
C ARG C 9 -20.35 4.15 -6.12
N ARG C 10 -21.52 3.61 -5.98
CA ARG C 10 -21.65 2.38 -5.23
C ARG C 10 -21.28 1.17 -6.09
N ASN C 11 -21.03 1.41 -7.37
CA ASN C 11 -20.59 0.45 -8.35
C ASN C 11 -19.09 0.60 -8.63
N THR C 12 -18.42 1.38 -7.82
CA THR C 12 -16.99 1.63 -7.94
C THR C 12 -16.23 0.31 -7.85
N ILE C 13 -15.17 0.17 -8.64
CA ILE C 13 -14.35 -1.02 -8.64
C ILE C 13 -13.49 -1.19 -7.38
N PRO C 14 -13.50 -2.40 -6.83
CA PRO C 14 -12.78 -2.75 -5.61
C PRO C 14 -11.41 -3.40 -5.81
N CYS C 15 -10.72 -3.70 -4.72
CA CYS C 15 -9.47 -4.43 -4.85
C CYS C 15 -9.65 -5.90 -4.53
N ARG D 1 -16.47 -37.21 1.87
CA ARG D 1 -16.22 -35.95 1.16
C ARG D 1 -16.38 -34.74 2.08
N TYR D 2 -15.72 -33.63 1.69
CA TYR D 2 -15.57 -32.46 2.54
C TYR D 2 -15.78 -31.19 1.74
N ILE D 3 -16.22 -30.13 2.42
CA ILE D 3 -16.06 -28.79 1.87
C ILE D 3 -14.63 -28.35 2.17
N SER D 4 -13.85 -28.14 1.13
CA SER D 4 -12.45 -27.82 1.30
C SER D 4 -12.27 -26.38 1.75
N TYR D 5 -11.20 -26.14 2.50
CA TYR D 5 -10.85 -24.78 2.91
C TYR D 5 -10.55 -23.87 1.73
N GLY D 6 -10.14 -24.42 0.58
CA GLY D 6 -9.99 -23.59 -0.60
C GLY D 6 -11.30 -22.94 -1.00
N ALA D 7 -12.39 -23.71 -0.95
CA ALA D 7 -13.70 -23.13 -1.22
C ALA D 7 -14.07 -22.09 -0.16
N LEU D 8 -13.81 -22.40 1.11
CA LEU D 8 -14.10 -21.46 2.18
C LEU D 8 -13.34 -20.14 1.99
N ARG D 9 -12.11 -20.21 1.47
CA ARG D 9 -11.29 -19.04 1.22
C ARG D 9 -11.85 -18.15 0.14
N ARG D 10 -12.93 -18.57 -0.47
CA ARG D 10 -13.61 -17.71 -1.40
C ARG D 10 -14.51 -16.71 -0.66
N ASN D 11 -14.63 -16.88 0.65
CA ASN D 11 -15.36 -16.04 1.56
C ASN D 11 -14.41 -15.12 2.34
N THR D 12 -13.16 -15.10 1.93
CA THR D 12 -12.13 -14.28 2.55
C THR D 12 -12.54 -12.81 2.51
N ILE D 13 -12.24 -12.07 3.58
CA ILE D 13 -12.55 -10.66 3.67
C ILE D 13 -11.71 -9.77 2.77
N PRO D 14 -12.37 -8.87 2.06
CA PRO D 14 -11.75 -7.95 1.11
C PRO D 14 -11.42 -6.55 1.65
N CYS D 15 -10.82 -5.71 0.81
CA CYS D 15 -10.59 -4.35 1.24
C CYS D 15 -11.62 -3.40 0.65
N THR E 1 -15.31 -19.33 -15.57
CA THR E 1 -16.00 -20.59 -15.74
C THR E 1 -17.26 -20.45 -14.96
N THR E 2 -18.32 -19.97 -15.58
CA THR E 2 -19.55 -19.75 -14.84
C THR E 2 -20.08 -21.04 -14.23
N CYS E 3 -20.51 -21.00 -13.04
CA CYS E 3 -20.99 -22.15 -12.32
C CYS E 3 -22.02 -22.97 -13.05
N LYS E 4 -21.85 -24.21 -12.96
CA LYS E 4 -22.65 -25.24 -13.51
C LYS E 4 -24.00 -25.21 -12.85
N GLU E 5 -23.98 -25.12 -11.52
CA GLU E 5 -25.17 -25.10 -10.68
C GLU E 5 -25.76 -23.73 -10.59
N ASP E 6 -27.03 -23.62 -10.30
CA ASP E 6 -27.63 -22.29 -10.22
C ASP E 6 -27.84 -22.00 -8.77
N PHE E 7 -27.30 -20.90 -8.29
CA PHE E 7 -27.39 -20.58 -6.90
C PHE E 7 -28.35 -19.48 -6.62
N ALA E 8 -28.89 -18.88 -7.65
CA ALA E 8 -29.83 -17.78 -7.47
C ALA E 8 -31.15 -18.26 -6.88
N ASN E 9 -31.65 -19.41 -7.36
CA ASN E 9 -32.98 -19.88 -7.02
C ASN E 9 -32.96 -20.92 -5.89
N LYS E 10 -31.82 -21.12 -5.25
CA LYS E 10 -31.78 -22.04 -4.13
C LYS E 10 -32.44 -21.41 -2.90
N ASN E 11 -32.83 -22.28 -1.98
CA ASN E 11 -33.58 -21.88 -0.78
C ASN E 11 -32.61 -21.75 0.38
N TYR E 12 -32.26 -20.50 0.71
CA TYR E 12 -31.21 -20.21 1.70
C TYR E 12 -31.73 -20.17 3.13
N THR E 13 -33.00 -20.53 3.33
CA THR E 13 -33.58 -20.55 4.68
C THR E 13 -32.77 -21.45 5.60
N ILE E 14 -32.27 -22.57 5.08
CA ILE E 14 -31.37 -23.48 5.79
C ILE E 14 -30.41 -22.66 6.64
N ILE E 15 -29.81 -21.63 6.03
CA ILE E 15 -28.87 -20.78 6.75
C ILE E 15 -29.59 -19.64 7.46
N THR E 16 -30.54 -18.97 6.79
CA THR E 16 -30.95 -17.65 7.26
C THR E 16 -31.71 -17.74 8.58
N SER E 17 -32.44 -18.83 8.78
CA SER E 17 -33.28 -19.00 9.96
C SER E 17 -32.55 -19.68 11.10
N ARG E 18 -31.27 -20.02 10.92
CA ARG E 18 -30.44 -20.61 11.96
C ARG E 18 -29.23 -19.77 12.31
N CYS E 19 -28.48 -19.28 11.32
CA CYS E 19 -27.35 -18.38 11.54
C CYS E 19 -27.89 -16.95 11.55
N LYS E 20 -27.82 -16.29 12.70
CA LYS E 20 -28.73 -15.16 12.96
C LYS E 20 -28.02 -14.08 13.79
N GLY E 21 -28.85 -13.13 14.25
CA GLY E 21 -28.63 -12.40 15.46
C GLY E 21 -27.46 -11.45 15.39
N PRO E 22 -27.15 -10.83 16.54
CA PRO E 22 -25.94 -10.01 16.63
C PRO E 22 -24.70 -10.87 16.87
N ASN E 23 -24.91 -12.04 17.45
CA ASN E 23 -23.86 -13.02 17.66
C ASN E 23 -24.03 -14.10 16.61
N TYR E 24 -22.95 -14.53 16.01
CA TYR E 24 -23.13 -15.53 14.98
C TYR E 24 -22.51 -16.81 15.49
N PRO E 25 -23.21 -17.54 16.36
CA PRO E 25 -22.60 -18.70 17.03
C PRO E 25 -21.94 -19.62 16.02
N ALA E 26 -20.67 -19.94 16.29
CA ALA E 26 -19.88 -20.72 15.35
C ALA E 26 -20.53 -22.07 15.05
N ASN E 27 -20.96 -22.80 16.08
CA ASN E 27 -21.49 -24.13 15.86
C ASN E 27 -22.80 -24.09 15.06
N VAL E 28 -23.73 -23.21 15.46
CA VAL E 28 -25.00 -23.08 14.75
C VAL E 28 -24.76 -22.68 13.29
N CYS E 29 -23.94 -21.65 13.09
CA CYS E 29 -23.75 -21.10 11.75
C CYS E 29 -23.03 -22.10 10.84
N CYS E 30 -22.02 -22.78 11.37
CA CYS E 30 -21.31 -23.75 10.54
C CYS E 30 -22.15 -24.99 10.26
N SER E 31 -23.00 -25.41 11.21
CA SER E 31 -23.95 -26.47 10.93
C SER E 31 -24.88 -26.09 9.79
N ALA E 32 -25.42 -24.86 9.83
CA ALA E 32 -26.36 -24.43 8.82
C ALA E 32 -25.69 -24.35 7.45
N PHE E 33 -24.47 -23.78 7.41
CA PHE E 33 -23.74 -23.67 6.15
C PHE E 33 -23.45 -25.05 5.56
N LYS E 34 -22.97 -25.98 6.40
CA LYS E 34 -22.74 -27.34 5.93
C LYS E 34 -24.02 -27.95 5.36
N ASP E 35 -25.11 -27.88 6.13
CA ASP E 35 -26.40 -28.39 5.65
C ASP E 35 -26.71 -27.87 4.25
N PHE E 36 -26.44 -26.58 3.99
CA PHE E 36 -26.81 -26.01 2.70
C PHE E 36 -25.85 -26.41 1.58
N ALA E 37 -24.54 -26.42 1.86
CA ALA E 37 -23.56 -26.47 0.78
C ALA E 37 -22.85 -27.82 0.65
N CYS E 38 -22.99 -28.71 1.62
CA CYS E 38 -22.46 -30.06 1.47
C CYS E 38 -22.99 -30.81 0.25
N PRO E 39 -24.27 -30.70 -0.14
CA PRO E 39 -24.70 -31.40 -1.37
C PRO E 39 -24.02 -30.91 -2.64
N PHE E 40 -23.31 -29.79 -2.61
CA PHE E 40 -22.57 -29.30 -3.75
C PHE E 40 -21.08 -29.23 -3.46
N ALA E 41 -20.62 -30.06 -2.51
CA ALA E 41 -19.20 -30.11 -2.18
C ALA E 41 -18.37 -30.39 -3.43
N GLU E 42 -18.90 -31.18 -4.36
CA GLU E 42 -18.16 -31.56 -5.56
C GLU E 42 -17.85 -30.34 -6.41
N VAL E 43 -18.87 -29.57 -6.77
CA VAL E 43 -18.63 -28.41 -7.62
C VAL E 43 -17.89 -27.32 -6.86
N LEU E 44 -18.19 -27.03 -5.61
CA LEU E 44 -17.49 -25.95 -4.92
C LEU E 44 -16.01 -26.18 -4.78
N ASN E 45 -15.66 -27.41 -4.49
CA ASN E 45 -14.30 -27.81 -4.26
C ASN E 45 -13.42 -27.78 -5.48
N ASP E 46 -14.04 -27.62 -6.63
CA ASP E 46 -13.30 -27.57 -7.86
C ASP E 46 -12.87 -26.15 -8.12
N GLU E 47 -11.57 -25.92 -8.12
CA GLU E 47 -10.99 -24.61 -8.29
C GLU E 47 -11.31 -23.90 -9.57
N LYS E 48 -11.49 -24.65 -10.65
CA LYS E 48 -11.80 -24.09 -11.95
C LYS E 48 -13.11 -23.34 -12.01
N ASN E 49 -14.10 -23.78 -11.26
CA ASN E 49 -15.39 -23.14 -11.30
C ASN E 49 -15.54 -21.77 -10.68
N ASP E 50 -16.54 -21.07 -11.13
CA ASP E 50 -16.91 -19.76 -10.63
C ASP E 50 -17.97 -19.87 -9.54
N CYS E 51 -18.34 -21.08 -9.16
CA CYS E 51 -19.38 -21.31 -8.18
C CYS E 51 -19.20 -20.93 -6.71
N ALA E 52 -18.08 -21.25 -6.06
CA ALA E 52 -17.97 -20.91 -4.65
C ALA E 52 -18.12 -19.43 -4.35
N SER E 53 -17.52 -18.59 -5.16
CA SER E 53 -17.67 -17.17 -4.98
C SER E 53 -19.08 -16.72 -5.24
N THR E 54 -19.74 -17.32 -6.21
CA THR E 54 -21.11 -16.97 -6.49
C THR E 54 -22.00 -17.39 -5.37
N MET E 55 -21.73 -18.53 -4.78
CA MET E 55 -22.54 -18.97 -3.66
C MET E 55 -22.43 -18.09 -2.44
N PHE E 56 -21.22 -17.75 -2.06
CA PHE E 56 -21.01 -16.92 -0.89
C PHE E 56 -21.63 -15.59 -1.12
N SER E 57 -21.54 -15.12 -2.33
CA SER E 57 -22.22 -13.87 -2.66
C SER E 57 -23.70 -13.94 -2.31
N TYR E 58 -24.36 -15.04 -2.69
CA TYR E 58 -25.80 -15.13 -2.44
C TYR E 58 -26.08 -15.33 -0.96
N ILE E 59 -25.29 -16.17 -0.29
CA ILE E 59 -25.42 -16.40 1.14
C ILE E 59 -25.34 -15.07 1.89
N ASN E 60 -24.32 -14.28 1.60
CA ASN E 60 -24.14 -13.00 2.27
C ASN E 60 -25.17 -11.97 1.83
N LEU E 61 -25.77 -12.13 0.66
CA LEU E 61 -26.79 -11.18 0.25
C LEU E 61 -28.12 -11.44 0.94
N TYR E 62 -28.55 -12.70 0.98
CA TYR E 62 -29.82 -13.01 1.61
C TYR E 62 -29.73 -12.98 3.13
N GLY E 63 -28.55 -13.23 3.70
CA GLY E 63 -28.43 -13.11 5.13
C GLY E 63 -27.97 -11.77 5.66
N ARG E 64 -27.48 -10.87 4.80
CA ARG E 64 -26.82 -9.65 5.25
C ARG E 64 -25.75 -9.98 6.28
N TYR E 65 -24.97 -11.01 5.97
CA TYR E 65 -23.96 -11.48 6.91
C TYR E 65 -22.70 -10.62 6.84
N PRO E 66 -21.98 -10.53 7.96
CA PRO E 66 -20.66 -9.88 7.99
C PRO E 66 -19.69 -10.54 7.03
N PRO E 67 -18.49 -9.99 6.84
CA PRO E 67 -17.78 -10.24 5.56
C PRO E 67 -17.22 -11.64 5.40
N GLY E 68 -16.65 -12.23 6.45
CA GLY E 68 -15.95 -13.48 6.21
C GLY E 68 -16.23 -14.55 7.25
N ILE E 69 -17.47 -14.58 7.74
CA ILE E 69 -17.79 -15.34 8.95
C ILE E 69 -17.57 -16.83 8.73
N PHE E 70 -17.89 -17.33 7.53
CA PHE E 70 -17.79 -18.76 7.29
C PHE E 70 -16.33 -19.18 7.15
N ALA E 71 -15.57 -18.49 6.29
CA ALA E 71 -14.14 -18.72 6.18
C ALA E 71 -13.45 -18.64 7.55
N ASN E 72 -13.88 -17.71 8.40
CA ASN E 72 -13.16 -17.46 9.64
C ASN E 72 -13.54 -18.41 10.77
N MET E 73 -14.81 -18.75 10.95
CA MET E 73 -15.16 -19.52 12.13
C MET E 73 -15.52 -20.98 11.84
N CYS E 74 -15.48 -21.42 10.59
CA CYS E 74 -15.80 -22.80 10.24
C CYS E 74 -14.51 -23.57 9.91
N LYS E 75 -14.15 -24.49 10.81
CA LYS E 75 -12.94 -25.29 10.66
C LYS E 75 -13.17 -26.56 11.46
N GLU E 76 -12.61 -27.66 10.99
CA GLU E 76 -12.87 -28.93 11.58
C GLU E 76 -11.64 -29.75 11.74
N GLY E 77 -11.02 -29.96 10.62
CA GLY E 77 -9.84 -30.76 10.53
C GLY E 77 -9.05 -30.38 9.31
N LYS E 78 -7.94 -31.05 9.12
CA LYS E 78 -7.08 -30.72 8.01
C LYS E 78 -7.72 -30.90 6.65
N GLU E 79 -8.55 -31.90 6.50
CA GLU E 79 -9.26 -32.21 5.27
C GLU E 79 -10.27 -31.21 4.80
N GLY E 80 -10.94 -30.60 5.75
CA GLY E 80 -11.99 -29.64 5.51
C GLY E 80 -13.20 -29.95 6.36
N LEU E 81 -14.37 -29.52 5.93
CA LEU E 81 -15.61 -29.79 6.64
C LEU E 81 -16.17 -31.12 6.16
N ASP E 82 -16.53 -31.99 7.09
CA ASP E 82 -16.90 -33.35 6.74
C ASP E 82 -18.09 -33.57 5.82
N CYS E 83 -19.20 -32.93 6.05
CA CYS E 83 -20.33 -33.08 5.12
C CYS E 83 -20.82 -34.52 4.83
N THR E 84 -20.75 -35.43 5.79
CA THR E 84 -21.28 -36.78 5.61
C THR E 84 -22.06 -37.17 6.85
N ASP F 2 21.70 -0.14 9.76
CA ASP F 2 21.52 -1.58 9.83
C ASP F 2 22.62 -2.19 10.66
N TYR F 3 22.90 -3.46 10.41
CA TYR F 3 23.98 -4.16 11.08
C TYR F 3 24.93 -4.56 9.99
N SER F 4 26.20 -4.30 10.18
CA SER F 4 27.18 -4.69 9.19
C SER F 4 27.95 -5.73 9.89
N PRO F 5 28.00 -6.90 9.31
CA PRO F 5 28.67 -8.01 9.93
C PRO F 5 30.08 -7.94 9.53
N THR F 6 30.99 -8.16 10.47
CA THR F 6 32.38 -8.11 10.13
C THR F 6 32.75 -9.22 9.16
N GLU F 7 32.17 -10.39 9.31
CA GLU F 7 32.42 -11.50 8.41
C GLU F 7 31.20 -11.89 7.59
N LYS F 8 31.37 -11.93 6.29
CA LYS F 8 30.33 -12.30 5.39
C LYS F 8 30.89 -13.31 4.42
N ILE F 9 31.05 -14.54 4.85
CA ILE F 9 31.61 -15.54 3.97
C ILE F 9 30.61 -16.29 3.14
N LEU F 10 30.39 -15.85 1.93
CA LEU F 10 29.45 -16.51 1.07
C LEU F 10 30.27 -17.41 0.26
N LEU F 11 30.09 -18.70 0.46
CA LEU F 11 30.88 -19.67 -0.21
C LEU F 11 30.04 -20.58 -1.07
N ASN F 12 30.37 -20.63 -2.35
CA ASN F 12 29.67 -21.42 -3.33
C ASN F 12 30.53 -22.61 -3.66
N CYS F 13 29.97 -23.80 -3.65
CA CYS F 13 30.79 -24.97 -3.89
C CYS F 13 30.87 -25.45 -5.32
N GLY F 14 32.09 -25.42 -5.83
CA GLY F 14 32.39 -25.81 -7.18
C GLY F 14 32.37 -24.70 -8.17
N GLY F 15 32.06 -23.50 -7.74
CA GLY F 15 32.02 -22.37 -8.65
C GLY F 15 33.35 -22.17 -9.33
N ASP F 22 24.41 -13.24 -7.39
CA ASP F 22 23.19 -14.02 -7.53
C ASP F 22 21.96 -13.13 -7.73
N THR F 23 20.76 -13.74 -7.71
CA THR F 23 19.51 -13.05 -8.01
C THR F 23 19.19 -12.00 -6.95
N ASP F 24 20.01 -11.97 -5.87
CA ASP F 24 19.88 -11.17 -4.64
C ASP F 24 21.15 -10.39 -4.37
N ASN F 25 21.84 -9.90 -5.41
CA ASN F 25 22.87 -8.87 -5.24
C ASN F 25 23.97 -9.27 -4.22
N ARG F 26 24.32 -10.57 -4.09
CA ARG F 26 25.35 -11.01 -3.15
C ARG F 26 26.38 -11.81 -3.93
N ILE F 27 27.66 -11.47 -3.74
CA ILE F 27 28.75 -12.11 -4.48
C ILE F 27 29.21 -13.35 -3.73
N TRP F 28 29.45 -14.44 -4.46
CA TRP F 28 29.88 -15.70 -3.87
C TRP F 28 31.33 -16.00 -4.29
N ILE F 29 31.88 -17.03 -3.67
CA ILE F 29 33.23 -17.44 -3.94
C ILE F 29 33.35 -18.94 -4.00
N SER F 30 34.08 -19.43 -4.99
CA SER F 30 34.24 -20.85 -5.14
C SER F 30 35.03 -21.38 -3.99
N ASP F 31 34.86 -22.66 -3.74
CA ASP F 31 35.56 -23.33 -2.69
C ASP F 31 36.78 -24.01 -3.28
N VAL F 32 37.00 -23.85 -4.58
CA VAL F 32 38.10 -24.55 -5.24
C VAL F 32 39.51 -24.29 -4.73
N LYS F 33 39.85 -23.03 -4.52
CA LYS F 33 41.20 -22.72 -4.04
C LYS F 33 41.12 -22.08 -2.67
N SER F 34 39.98 -22.26 -2.03
CA SER F 34 39.76 -21.69 -0.74
C SER F 34 40.65 -22.18 0.37
N LYS F 35 41.08 -21.26 1.20
CA LYS F 35 41.83 -21.61 2.37
C LYS F 35 40.87 -22.43 3.23
N PHE F 36 39.57 -22.25 3.03
CA PHE F 36 38.54 -22.94 3.76
C PHE F 36 38.61 -24.42 3.55
N LEU F 37 38.96 -24.85 2.35
CA LEU F 37 39.09 -26.28 2.08
C LEU F 37 40.26 -26.83 2.85
N SER F 38 40.10 -27.99 3.46
CA SER F 38 41.19 -28.59 4.22
C SER F 38 41.49 -29.99 3.68
N ASP F 43 39.23 -37.49 -1.78
CA ASP F 43 38.82 -36.09 -1.65
C ASP F 43 37.50 -35.84 -2.36
N SER F 44 37.11 -34.59 -2.40
CA SER F 44 35.87 -34.17 -3.01
C SER F 44 35.88 -34.33 -4.52
N LYS F 45 34.68 -34.40 -5.11
CA LYS F 45 34.51 -34.56 -6.55
C LYS F 45 33.50 -33.53 -7.11
N THR F 46 33.92 -32.30 -7.32
CA THR F 46 33.03 -31.27 -7.78
C THR F 46 32.25 -31.64 -9.03
N SER F 47 30.96 -31.32 -9.05
CA SER F 47 30.13 -31.58 -10.22
C SER F 47 29.04 -30.56 -10.38
N PRO F 48 28.69 -30.22 -11.68
CA PRO F 48 27.59 -29.25 -11.78
C PRO F 48 26.30 -30.02 -11.64
N ALA F 49 25.18 -29.36 -11.39
CA ALA F 49 23.90 -30.05 -11.24
C ALA F 49 23.40 -30.71 -12.51
N LEU F 50 22.92 -31.94 -12.33
CA LEU F 50 22.41 -32.77 -13.40
C LEU F 50 21.20 -32.18 -14.07
N THR F 51 20.27 -31.66 -13.30
CA THR F 51 19.07 -31.09 -13.89
C THR F 51 18.84 -29.67 -13.39
N GLN F 52 18.29 -28.83 -14.27
CA GLN F 52 18.01 -27.45 -13.98
C GLN F 52 16.53 -27.14 -13.90
N ASP F 53 16.12 -26.52 -12.81
CA ASP F 53 14.74 -26.16 -12.63
C ASP F 53 14.67 -24.65 -12.69
N PRO F 54 13.80 -24.13 -13.63
CA PRO F 54 13.81 -22.66 -13.74
C PRO F 54 13.58 -21.96 -12.40
N SER F 55 12.76 -22.55 -11.54
CA SER F 55 12.52 -21.94 -10.26
C SER F 55 13.84 -21.85 -9.50
N VAL F 56 14.81 -22.69 -9.84
CA VAL F 56 16.08 -22.67 -9.14
C VAL F 56 17.19 -21.82 -9.74
N PRO F 57 17.81 -20.96 -8.93
CA PRO F 57 18.91 -20.11 -9.36
C PRO F 57 20.23 -20.85 -9.37
N GLU F 58 21.06 -20.57 -10.35
CA GLU F 58 22.31 -21.30 -10.53
C GLU F 58 23.28 -21.19 -9.38
N VAL F 59 23.37 -20.01 -8.83
CA VAL F 59 24.27 -19.79 -7.75
C VAL F 59 23.46 -19.75 -6.50
N PRO F 60 23.83 -20.57 -5.53
CA PRO F 60 24.90 -21.53 -5.68
C PRO F 60 24.39 -22.95 -5.81
N TYR F 61 23.12 -23.08 -6.17
CA TYR F 61 22.49 -24.35 -6.29
C TYR F 61 23.00 -25.28 -7.37
N MET F 62 23.32 -24.73 -8.53
CA MET F 62 23.80 -25.54 -9.64
C MET F 62 25.11 -26.27 -9.42
N THR F 63 26.04 -25.66 -8.71
CA THR F 63 27.33 -26.24 -8.47
C THR F 63 27.43 -26.92 -7.11
N ALA F 64 27.89 -28.15 -7.06
CA ALA F 64 27.99 -28.85 -5.81
C ALA F 64 29.32 -29.56 -5.63
N ARG F 65 29.69 -29.83 -4.39
CA ARG F 65 30.92 -30.55 -4.11
C ARG F 65 30.50 -31.79 -3.38
N VAL F 66 31.01 -32.96 -3.76
CA VAL F 66 30.57 -34.18 -3.12
C VAL F 66 31.61 -34.94 -2.32
N PHE F 67 31.23 -35.25 -1.09
CA PHE F 67 32.12 -35.93 -0.20
C PHE F 67 31.87 -37.40 -0.13
N ARG F 68 32.80 -38.07 -0.77
CA ARG F 68 32.87 -39.49 -0.84
C ARG F 68 33.14 -40.03 0.55
N SER F 69 34.02 -39.36 1.27
CA SER F 69 34.42 -39.68 2.64
C SER F 69 34.37 -38.43 3.50
N PRO F 70 34.51 -38.59 4.80
CA PRO F 70 34.38 -37.42 5.67
C PRO F 70 35.23 -36.27 5.23
N PHE F 71 34.66 -35.09 5.37
CA PHE F 71 35.32 -33.86 5.05
C PHE F 71 35.13 -32.89 6.17
N THR F 72 36.10 -32.03 6.37
CA THR F 72 35.98 -31.04 7.40
C THR F 72 36.33 -29.72 6.80
N TYR F 73 35.53 -28.71 7.10
CA TYR F 73 35.75 -27.37 6.59
C TYR F 73 36.19 -26.49 7.72
N THR F 74 37.06 -25.56 7.45
CA THR F 74 37.49 -24.62 8.47
C THR F 74 37.34 -23.19 7.97
N PHE F 75 36.92 -22.32 8.87
CA PHE F 75 36.77 -20.89 8.63
C PHE F 75 37.43 -20.12 9.76
N PRO F 76 38.17 -19.07 9.45
CA PRO F 76 38.75 -18.22 10.51
C PRO F 76 37.77 -17.16 10.95
N VAL F 77 37.38 -17.16 12.21
CA VAL F 77 36.36 -16.25 12.72
C VAL F 77 36.75 -15.77 14.12
N ALA F 78 36.39 -14.53 14.41
CA ALA F 78 36.57 -14.00 15.76
C ALA F 78 35.59 -14.66 16.72
N SER F 79 35.92 -14.59 18.00
CA SER F 79 35.00 -15.04 19.03
C SER F 79 33.67 -14.30 18.91
N GLY F 80 32.58 -15.06 18.83
CA GLY F 80 31.26 -14.50 18.66
C GLY F 80 30.25 -15.55 18.21
N ARG F 81 29.03 -15.07 18.00
CA ARG F 81 27.95 -15.91 17.49
C ARG F 81 27.76 -15.67 16.00
N LYS F 82 27.55 -16.77 15.28
CA LYS F 82 27.43 -16.73 13.83
C LYS F 82 26.16 -17.44 13.38
N PHE F 83 25.53 -16.84 12.38
CA PHE F 83 24.63 -17.56 11.49
C PHE F 83 25.45 -18.51 10.63
N VAL F 84 25.00 -19.75 10.52
CA VAL F 84 25.63 -20.71 9.62
C VAL F 84 24.51 -21.33 8.80
N ARG F 85 24.59 -21.20 7.48
CA ARG F 85 23.49 -21.63 6.63
C ARG F 85 23.99 -22.55 5.53
N LEU F 86 23.43 -23.75 5.49
CA LEU F 86 23.72 -24.72 4.46
C LEU F 86 22.72 -24.57 3.34
N TYR F 87 23.19 -24.81 2.11
CA TYR F 87 22.34 -24.73 0.93
C TYR F 87 22.33 -26.09 0.27
N PHE F 88 21.15 -26.70 0.13
CA PHE F 88 21.11 -27.99 -0.53
C PHE F 88 20.08 -28.00 -1.64
N TYR F 89 20.40 -28.72 -2.70
CA TYR F 89 19.49 -28.95 -3.82
C TYR F 89 19.62 -30.43 -4.15
N PRO F 90 18.59 -31.24 -3.90
CA PRO F 90 18.68 -32.68 -4.15
C PRO F 90 18.85 -32.98 -5.63
N ASN F 91 19.90 -33.72 -5.96
CA ASN F 91 20.21 -34.10 -7.34
C ASN F 91 21.19 -35.26 -7.37
N GLY F 95 27.13 -37.88 -10.88
CA GLY F 95 26.31 -38.88 -11.54
C GLY F 95 25.58 -39.81 -10.58
N LEU F 96 25.76 -39.58 -9.29
CA LEU F 96 25.14 -40.38 -8.23
C LEU F 96 23.65 -40.18 -8.17
N ASN F 97 22.94 -41.13 -7.58
CA ASN F 97 21.49 -41.07 -7.46
C ASN F 97 21.09 -40.20 -6.27
N ALA F 98 20.14 -39.31 -6.50
CA ALA F 98 19.73 -38.36 -5.47
C ALA F 98 19.16 -38.95 -4.20
N THR F 99 18.33 -39.98 -4.30
CA THR F 99 17.73 -40.53 -3.09
C THR F 99 18.74 -41.09 -2.10
N ASN F 100 19.79 -41.70 -2.62
CA ASN F 100 20.80 -42.25 -1.75
C ASN F 100 21.87 -41.24 -1.35
N SER F 101 21.50 -40.33 -0.48
CA SER F 101 22.45 -39.40 0.08
C SER F 101 21.97 -39.35 1.50
N LEU F 102 22.75 -39.86 2.42
CA LEU F 102 22.36 -39.81 3.80
C LEU F 102 23.63 -39.50 4.53
N PHE F 103 23.61 -38.47 5.37
CA PHE F 103 24.80 -38.07 6.08
C PHE F 103 24.53 -37.23 7.28
N SER F 104 25.61 -36.84 7.92
CA SER F 104 25.55 -36.01 9.12
C SER F 104 26.52 -34.85 8.98
N VAL F 105 26.22 -33.76 9.69
CA VAL F 105 27.03 -32.55 9.71
C VAL F 105 27.26 -32.18 11.16
N SER F 106 28.52 -31.92 11.54
CA SER F 106 28.86 -31.62 12.92
C SER F 106 29.69 -30.34 13.01
N PHE F 107 29.60 -29.74 14.21
CA PHE F 107 30.32 -28.55 14.64
C PHE F 107 30.65 -28.71 16.11
N GLY F 108 31.92 -28.51 16.49
CA GLY F 108 32.28 -28.50 17.89
C GLY F 108 31.65 -29.67 18.60
N PRO F 109 31.03 -29.45 19.76
CA PRO F 109 30.24 -30.54 20.39
C PRO F 109 28.81 -30.63 19.89
N TYR F 110 28.48 -29.91 18.82
CA TYR F 110 27.13 -29.83 18.29
C TYR F 110 27.03 -30.61 16.99
N THR F 111 26.10 -31.56 16.92
CA THR F 111 25.78 -32.23 15.67
C THR F 111 24.60 -31.49 15.05
N LEU F 112 24.86 -30.76 13.99
CA LEU F 112 23.83 -30.05 13.27
C LEU F 112 22.86 -30.93 12.50
N LEU F 113 23.38 -31.93 11.82
CA LEU F 113 22.53 -32.82 11.04
C LEU F 113 22.96 -34.27 11.13
N LYS F 114 21.99 -35.16 11.12
CA LYS F 114 22.26 -36.59 11.15
C LYS F 114 21.23 -37.33 10.35
N ASN F 115 21.64 -38.36 9.62
CA ASN F 115 20.73 -39.21 8.85
C ASN F 115 19.87 -38.34 7.99
N PHE F 116 20.48 -37.35 7.36
CA PHE F 116 19.74 -36.39 6.59
C PHE F 116 19.65 -36.65 5.10
N SER F 117 18.43 -36.57 4.56
CA SER F 117 18.18 -36.75 3.13
C SER F 117 17.69 -35.46 2.59
N ALA F 118 18.33 -34.94 1.56
CA ALA F 118 17.95 -33.68 0.99
C ALA F 118 16.70 -33.89 0.18
N SER F 119 16.60 -35.03 -0.47
CA SER F 119 15.45 -35.25 -1.36
C SER F 119 14.17 -35.52 -0.57
N GLN F 120 14.22 -36.47 0.36
CA GLN F 120 13.08 -36.79 1.19
C GLN F 120 12.64 -35.59 2.02
N THR F 121 13.57 -34.73 2.38
CA THR F 121 13.22 -33.50 3.07
C THR F 121 12.55 -32.53 2.10
N ALA F 122 13.11 -32.41 0.90
CA ALA F 122 12.82 -31.26 0.04
C ALA F 122 11.46 -31.38 -0.59
N GLU F 123 11.10 -32.58 -1.06
CA GLU F 123 9.86 -32.74 -1.80
C GLU F 123 8.70 -33.20 -0.92
N ALA F 124 8.97 -33.68 0.29
CA ALA F 124 7.93 -33.73 1.30
C ALA F 124 7.38 -32.34 1.58
N LEU F 125 8.22 -31.32 1.43
CA LEU F 125 7.84 -29.94 1.68
C LEU F 125 7.50 -29.18 0.41
N THR F 126 7.58 -29.82 -0.75
CA THR F 126 7.27 -29.20 -2.04
C THR F 126 8.17 -27.98 -2.28
N TYR F 127 9.42 -28.04 -1.82
CA TYR F 127 10.46 -27.10 -2.22
C TYR F 127 11.44 -27.82 -3.13
N ALA F 128 11.91 -27.12 -4.16
CA ALA F 128 12.97 -27.67 -5.00
C ALA F 128 14.27 -27.80 -4.22
N PHE F 129 14.62 -26.77 -3.46
CA PHE F 129 15.89 -26.70 -2.72
C PHE F 129 15.60 -26.27 -1.29
N ILE F 130 16.59 -26.50 -0.42
CA ILE F 130 16.46 -26.20 1.01
C ILE F 130 17.61 -25.33 1.46
N ILE F 131 17.31 -24.46 2.42
CA ILE F 131 18.31 -23.70 3.16
C ILE F 131 18.12 -24.04 4.63
N LYS F 132 19.21 -24.38 5.33
CA LYS F 132 19.14 -24.63 6.76
C LYS F 132 19.98 -23.63 7.54
N GLU F 133 19.37 -23.07 8.60
CA GLU F 133 19.93 -21.95 9.34
C GLU F 133 20.23 -22.36 10.77
N PHE F 134 21.41 -21.97 11.25
CA PHE F 134 21.76 -22.19 12.65
C PHE F 134 22.35 -20.92 13.27
N VAL F 135 22.27 -20.83 14.58
CA VAL F 135 22.85 -19.76 15.32
C VAL F 135 23.78 -20.43 16.29
N VAL F 136 25.08 -20.20 16.16
CA VAL F 136 26.06 -20.85 17.01
C VAL F 136 27.11 -19.90 17.55
N ASN F 137 27.61 -20.22 18.73
CA ASN F 137 28.63 -19.40 19.35
C ASN F 137 29.99 -20.00 19.18
N VAL F 138 30.93 -19.18 18.76
CA VAL F 138 32.26 -19.67 18.56
C VAL F 138 33.31 -18.98 19.39
N GLU F 139 34.06 -19.78 20.12
CA GLU F 139 35.16 -19.30 20.94
C GLU F 139 36.40 -19.74 20.18
N GLY F 140 37.33 -18.83 20.00
CA GLY F 140 38.53 -19.10 19.23
C GLY F 140 38.44 -18.50 17.85
N GLY F 141 39.47 -18.68 17.04
CA GLY F 141 39.43 -18.10 15.70
C GLY F 141 39.07 -19.02 14.56
N THR F 142 38.70 -20.25 14.91
CA THR F 142 38.39 -21.26 13.92
C THR F 142 37.12 -22.05 14.19
N LEU F 143 36.58 -22.70 13.17
CA LEU F 143 35.39 -23.50 13.36
C LEU F 143 35.45 -24.88 12.72
N ASN F 144 34.63 -25.79 13.24
CA ASN F 144 34.56 -27.15 12.76
C ASN F 144 33.37 -27.43 11.85
N MET F 145 33.59 -27.55 10.57
CA MET F 145 32.48 -27.91 9.72
C MET F 145 32.84 -29.25 9.11
N THR F 146 32.21 -30.32 9.58
CA THR F 146 32.53 -31.64 9.07
C THR F 146 31.35 -32.32 8.45
N PHE F 147 31.54 -32.83 7.25
CA PHE F 147 30.46 -33.50 6.59
C PHE F 147 30.79 -34.95 6.54
N THR F 148 29.90 -35.79 7.05
CA THR F 148 30.16 -37.22 7.02
C THR F 148 29.09 -38.10 6.42
N PRO F 149 29.39 -38.69 5.28
CA PRO F 149 28.48 -39.69 4.70
C PRO F 149 28.27 -40.81 5.70
N GLU F 150 27.00 -41.12 5.96
CA GLU F 150 26.64 -42.10 6.99
C GLU F 150 27.16 -43.47 6.60
N SER F 151 27.95 -44.08 7.49
CA SER F 151 28.43 -45.42 7.23
C SER F 151 27.32 -46.47 7.27
N ALA F 152 26.16 -46.13 7.85
CA ALA F 152 25.15 -47.15 8.14
C ALA F 152 24.70 -47.89 6.89
N PRO F 153 24.14 -47.25 5.85
CA PRO F 153 24.18 -47.88 4.53
C PRO F 153 25.37 -47.41 3.70
N SER F 154 25.82 -48.30 2.82
CA SER F 154 27.04 -48.11 2.04
C SER F 154 26.86 -47.08 0.93
N ASN F 155 25.71 -47.11 0.26
CA ASN F 155 25.36 -46.11 -0.73
C ASN F 155 25.63 -44.69 -0.25
N ALA F 156 25.48 -44.44 1.05
CA ALA F 156 25.33 -43.09 1.57
C ALA F 156 26.56 -42.21 1.31
N TYR F 157 26.32 -41.01 0.80
CA TYR F 157 27.34 -40.01 0.53
C TYR F 157 26.89 -38.68 1.11
N ALA F 158 27.81 -37.70 1.09
CA ALA F 158 27.47 -36.36 1.53
C ALA F 158 27.69 -35.37 0.39
N PHE F 159 27.04 -34.22 0.51
CA PHE F 159 27.22 -33.12 -0.42
C PHE F 159 26.71 -31.77 0.12
N VAL F 160 27.22 -30.65 -0.39
CA VAL F 160 26.71 -29.34 -0.03
C VAL F 160 26.80 -28.42 -1.21
N ASN F 161 25.73 -27.75 -1.60
CA ASN F 161 25.80 -26.79 -2.69
C ASN F 161 26.56 -25.53 -2.34
N GLY F 162 26.35 -25.03 -1.14
CA GLY F 162 27.01 -23.81 -0.71
C GLY F 162 27.01 -23.63 0.78
N ILE F 163 27.85 -22.72 1.28
CA ILE F 163 27.87 -22.44 2.71
C ILE F 163 28.00 -20.98 3.05
N GLU F 164 27.16 -20.48 3.95
CA GLU F 164 27.30 -19.10 4.43
C GLU F 164 27.63 -19.09 5.90
N VAL F 165 28.65 -18.32 6.28
CA VAL F 165 28.93 -17.99 7.68
C VAL F 165 28.86 -16.48 7.82
N THR F 166 28.05 -16.00 8.76
CA THR F 166 27.80 -14.58 8.92
C THR F 166 27.93 -14.21 10.39
N SER F 167 28.67 -13.14 10.66
CA SER F 167 28.73 -12.62 12.02
C SER F 167 27.34 -12.27 12.54
N MET F 168 27.19 -12.25 13.85
CA MET F 168 25.87 -11.97 14.33
C MET F 168 25.99 -11.45 15.75
N PRO F 169 25.19 -10.47 16.14
CA PRO F 169 25.10 -10.15 17.56
C PRO F 169 24.47 -11.30 18.32
N ASP F 170 24.46 -11.14 19.64
CA ASP F 170 23.81 -12.06 20.53
C ASP F 170 22.40 -11.59 20.68
N MET F 171 21.70 -11.68 19.57
CA MET F 171 20.31 -11.32 19.39
C MET F 171 19.25 -12.17 20.01
N TYR F 172 19.45 -13.47 20.02
CA TYR F 172 18.43 -14.38 20.50
C TYR F 172 18.89 -15.21 21.68
N SER F 173 19.14 -14.56 22.78
CA SER F 173 19.47 -15.25 24.01
C SER F 173 18.75 -14.55 25.13
N SER F 174 18.33 -15.29 26.14
CA SER F 174 17.64 -14.69 27.24
C SER F 174 18.24 -15.16 28.52
N THR F 175 19.45 -14.73 28.76
CA THR F 175 20.12 -15.07 29.99
C THR F 175 19.47 -14.45 31.21
N ASP F 176 19.06 -13.20 31.09
CA ASP F 176 18.54 -12.43 32.22
C ASP F 176 17.60 -13.22 33.10
N GLY F 177 17.78 -13.02 34.40
CA GLY F 177 17.07 -13.84 35.36
C GLY F 177 15.59 -13.76 35.46
N THR F 178 15.01 -14.93 35.21
CA THR F 178 13.60 -15.28 35.22
C THR F 178 12.82 -14.69 34.03
N LEU F 179 13.52 -14.20 33.02
CA LEU F 179 12.82 -13.65 31.88
C LEU F 179 12.06 -14.71 31.13
N THR F 180 12.64 -15.87 30.96
CA THR F 180 11.93 -16.89 30.21
C THR F 180 11.63 -18.21 30.93
N MET F 181 10.39 -18.65 30.80
CA MET F 181 9.94 -19.94 31.30
C MET F 181 9.05 -20.59 30.22
N VAL F 182 8.96 -21.91 30.21
CA VAL F 182 8.11 -22.57 29.21
C VAL F 182 6.64 -22.40 29.55
N GLY F 183 5.78 -22.65 28.58
CA GLY F 183 4.35 -22.49 28.82
C GLY F 183 3.76 -23.66 29.59
N SER F 184 3.96 -23.61 30.90
CA SER F 184 3.51 -24.56 31.91
C SER F 184 3.96 -24.01 33.25
N THR F 189 13.62 -21.02 32.05
CA THR F 189 14.42 -21.50 30.93
C THR F 189 15.57 -20.53 30.65
N ILE F 190 16.69 -21.08 30.23
CA ILE F 190 17.91 -20.32 30.03
C ILE F 190 18.66 -20.51 28.70
N ASP F 191 18.97 -19.43 28.01
CA ASP F 191 19.72 -19.51 26.75
C ASP F 191 21.05 -18.82 26.78
N ASN F 192 22.11 -19.60 26.79
CA ASN F 192 23.45 -19.07 26.75
C ASN F 192 24.35 -20.09 26.17
N SER F 193 25.00 -19.80 25.06
CA SER F 193 25.91 -20.80 24.52
C SER F 193 25.19 -22.14 24.38
N THR F 194 23.95 -22.04 23.90
CA THR F 194 23.17 -23.09 23.27
C THR F 194 23.10 -22.83 21.78
N ALA F 195 22.86 -23.87 20.99
CA ALA F 195 22.74 -23.70 19.56
C ALA F 195 21.28 -23.74 19.14
N LEU F 196 20.93 -22.92 18.17
CA LEU F 196 19.56 -22.82 17.71
C LEU F 196 19.51 -23.04 16.24
N GLU F 197 18.46 -23.70 15.78
CA GLU F 197 18.27 -23.88 14.37
C GLU F 197 16.99 -23.14 14.06
N ASN F 198 17.01 -22.28 13.07
CA ASN F 198 15.79 -21.57 12.72
C ASN F 198 14.94 -22.42 11.80
N VAL F 199 13.68 -22.63 12.18
CA VAL F 199 12.79 -23.45 11.38
C VAL F 199 11.71 -22.63 10.68
N TYR F 200 11.31 -21.49 11.25
CA TYR F 200 10.37 -20.57 10.60
C TYR F 200 10.78 -19.14 10.90
N ARG F 201 10.56 -18.27 9.92
CA ARG F 201 10.78 -16.83 10.08
C ARG F 201 9.77 -16.15 9.16
N LEU F 202 8.69 -15.63 9.74
CA LEU F 202 7.54 -15.17 8.98
C LEU F 202 7.31 -13.68 9.15
N ASN F 203 6.96 -13.02 8.06
CA ASN F 203 6.45 -11.65 8.09
C ASN F 203 4.93 -11.72 8.04
N VAL F 204 4.30 -11.63 9.21
CA VAL F 204 2.86 -11.88 9.32
C VAL F 204 2.09 -10.71 8.70
N GLY F 205 1.21 -11.02 7.75
CA GLY F 205 0.45 -10.02 7.06
C GLY F 205 1.26 -9.18 6.10
N GLY F 206 2.49 -9.57 5.81
CA GLY F 206 3.35 -8.85 4.90
C GLY F 206 3.88 -9.76 3.80
N ASN F 207 4.75 -9.18 2.98
CA ASN F 207 5.32 -9.91 1.87
C ASN F 207 6.62 -10.60 2.30
N ASP F 208 7.11 -11.47 1.41
CA ASP F 208 8.42 -12.07 1.61
C ASP F 208 9.48 -10.98 1.68
N ILE F 209 10.56 -11.28 2.38
CA ILE F 209 11.69 -10.37 2.52
C ILE F 209 12.95 -11.15 2.23
N SER F 210 13.63 -10.78 1.16
CA SER F 210 14.84 -11.44 0.75
C SER F 210 15.98 -11.06 1.70
N PRO F 211 17.05 -11.89 1.78
CA PRO F 211 18.13 -11.56 2.71
C PRO F 211 18.77 -10.18 2.51
N SER F 212 18.82 -9.66 1.29
CA SER F 212 19.30 -8.28 1.11
C SER F 212 18.44 -7.30 1.88
N ALA F 213 17.12 -7.46 1.74
CA ALA F 213 16.16 -6.53 2.30
C ALA F 213 15.99 -6.72 3.80
N ASP F 214 16.70 -7.68 4.38
CA ASP F 214 16.78 -7.79 5.82
C ASP F 214 17.61 -6.63 6.38
N THR F 215 17.53 -6.43 7.70
CA THR F 215 18.26 -5.36 8.36
C THR F 215 19.72 -5.72 8.58
N GLY F 216 20.40 -6.21 7.54
CA GLY F 216 21.81 -6.46 7.61
C GLY F 216 22.21 -7.80 8.15
N LEU F 217 21.28 -8.65 8.57
CA LEU F 217 21.61 -9.98 9.06
C LEU F 217 21.33 -11.07 8.04
N TYR F 218 20.81 -10.71 6.85
CA TYR F 218 20.64 -11.63 5.74
C TYR F 218 19.71 -12.80 6.08
N ARG F 219 18.65 -12.51 6.84
CA ARG F 219 17.63 -13.50 7.16
C ARG F 219 16.48 -13.42 6.16
N SER F 220 16.02 -14.57 5.71
CA SER F 220 14.85 -14.62 4.84
C SER F 220 13.59 -14.60 5.70
N TRP F 221 12.69 -13.67 5.40
CA TRP F 221 11.35 -13.64 5.99
C TRP F 221 10.34 -14.11 4.94
N TYR F 222 9.47 -15.03 5.35
CA TYR F 222 8.45 -15.61 4.47
C TYR F 222 7.06 -15.14 4.88
N ASP F 223 6.19 -14.98 3.88
CA ASP F 223 4.77 -14.73 4.15
C ASP F 223 4.20 -15.83 5.04
N ASP F 224 3.33 -15.43 5.97
CA ASP F 224 2.76 -16.33 6.96
C ASP F 224 1.51 -17.07 6.47
N GLN F 225 0.93 -16.63 5.36
CA GLN F 225 -0.38 -17.15 4.97
C GLN F 225 -0.40 -18.65 4.71
N PRO F 226 0.59 -19.27 4.07
CA PRO F 226 0.56 -20.73 3.92
C PRO F 226 0.45 -21.49 5.24
N TYR F 227 0.62 -20.84 6.38
CA TYR F 227 0.59 -21.51 7.67
C TYR F 227 -0.70 -21.26 8.44
N ILE F 228 -1.59 -20.43 7.90
CA ILE F 228 -2.92 -20.27 8.49
C ILE F 228 -3.67 -21.59 8.38
N PHE F 229 -4.42 -21.92 9.43
CA PHE F 229 -4.94 -23.27 9.57
C PHE F 229 -6.09 -23.55 8.61
N GLY F 230 -7.10 -22.71 8.59
CA GLY F 230 -8.22 -23.02 7.71
C GLY F 230 -8.34 -22.06 6.54
N ALA F 231 -9.52 -21.45 6.43
CA ALA F 231 -9.70 -20.25 5.63
C ALA F 231 -9.65 -18.99 6.48
N GLY F 232 -9.38 -19.13 7.78
CA GLY F 232 -9.45 -18.03 8.71
C GLY F 232 -8.25 -17.10 8.65
N LEU F 233 -8.28 -16.16 7.70
CA LEU F 233 -7.18 -15.24 7.46
C LEU F 233 -7.39 -13.87 8.09
N GLY F 234 -8.56 -13.62 8.68
CA GLY F 234 -8.86 -12.29 9.15
C GLY F 234 -8.68 -11.24 8.08
N ILE F 235 -7.81 -10.26 8.36
CA ILE F 235 -7.37 -9.27 7.36
C ILE F 235 -5.91 -8.94 7.62
N PRO F 236 -5.20 -8.58 6.57
CA PRO F 236 -3.88 -7.96 6.75
C PRO F 236 -4.01 -6.45 6.89
N GLU F 237 -3.12 -5.89 7.70
CA GLU F 237 -3.07 -4.46 7.94
C GLU F 237 -1.69 -3.97 7.59
N THR F 238 -1.60 -2.75 7.05
CA THR F 238 -0.32 -2.11 6.87
C THR F 238 -0.38 -0.77 7.61
N ALA F 239 0.79 -0.25 7.97
CA ALA F 239 0.81 1.06 8.61
C ALA F 239 0.33 2.13 7.64
N ASP F 240 -0.26 3.20 8.18
CA ASP F 240 -0.57 4.38 7.39
C ASP F 240 0.70 5.05 6.91
N PRO F 241 0.65 5.79 5.80
CA PRO F 241 1.86 6.46 5.33
C PRO F 241 2.36 7.53 6.28
N ASN F 242 1.47 8.32 6.87
CA ASN F 242 1.87 9.31 7.87
C ASN F 242 2.19 8.67 9.22
N MET F 243 2.32 7.34 9.28
CA MET F 243 2.76 6.66 10.49
C MET F 243 4.20 6.23 10.31
N THR F 244 5.01 6.46 11.34
CA THR F 244 6.45 6.21 11.29
C THR F 244 6.79 5.13 12.31
N ILE F 245 7.50 4.11 11.87
CA ILE F 245 7.85 3.04 12.75
C ILE F 245 9.06 3.50 13.48
N LYS F 246 8.95 3.70 14.77
CA LYS F 246 10.08 4.15 15.53
C LYS F 246 10.51 3.12 16.49
N TYR F 247 11.73 2.66 16.38
CA TYR F 247 12.24 1.69 17.33
C TYR F 247 12.50 2.45 18.59
N PRO F 248 12.26 1.87 19.75
CA PRO F 248 12.44 2.58 21.01
C PRO F 248 13.87 3.02 21.24
N THR F 249 14.08 4.15 21.89
CA THR F 249 15.44 4.64 22.07
C THR F 249 16.22 3.63 22.86
N GLY F 250 17.41 3.32 22.39
CA GLY F 250 18.19 2.30 23.04
C GLY F 250 17.87 0.88 22.62
N THR F 251 17.22 0.72 21.48
CA THR F 251 16.89 -0.58 20.96
C THR F 251 17.61 -0.75 19.64
N PRO F 252 18.11 -1.95 19.38
CA PRO F 252 18.74 -2.21 18.11
C PRO F 252 17.68 -2.18 17.08
N THR F 253 17.94 -1.50 16.00
CA THR F 253 17.01 -1.34 14.94
C THR F 253 17.09 -2.43 13.91
N TYR F 254 17.94 -3.40 14.11
CA TYR F 254 18.09 -4.48 13.18
C TYR F 254 17.35 -5.69 13.69
N VAL F 255 16.58 -5.53 14.75
CA VAL F 255 15.87 -6.67 15.34
C VAL F 255 14.95 -7.32 14.30
N ALA F 256 14.28 -6.53 13.47
CA ALA F 256 13.49 -7.04 12.36
C ALA F 256 13.25 -5.89 11.41
N PRO F 257 13.20 -6.13 10.11
CA PRO F 257 12.96 -5.04 9.16
C PRO F 257 11.66 -4.29 9.48
N VAL F 258 11.63 -3.00 9.11
CA VAL F 258 10.45 -2.16 9.29
C VAL F 258 9.26 -2.72 8.51
N ASP F 259 9.55 -3.42 7.41
CA ASP F 259 8.52 -4.11 6.66
C ASP F 259 7.84 -5.22 7.46
N VAL F 260 8.49 -5.73 8.50
CA VAL F 260 7.85 -6.70 9.38
C VAL F 260 6.88 -6.01 10.33
N TYR F 261 7.29 -4.89 10.91
CA TYR F 261 6.45 -4.23 11.91
C TYR F 261 5.38 -3.34 11.28
N SER F 262 5.53 -2.96 10.01
CA SER F 262 4.53 -2.13 9.36
C SER F 262 3.36 -2.97 8.86
N THR F 263 3.53 -4.27 8.75
CA THR F 263 2.50 -5.19 8.30
C THR F 263 2.16 -6.19 9.39
N ALA F 264 0.86 -6.49 9.51
CA ALA F 264 0.37 -7.37 10.56
C ALA F 264 -0.87 -8.10 10.08
N ARG F 265 -1.34 -9.05 10.88
CA ARG F 265 -2.60 -9.73 10.62
C ARG F 265 -3.54 -9.61 11.83
N SER F 266 -4.83 -9.41 11.57
CA SER F 266 -5.83 -9.29 12.63
C SER F 266 -7.12 -9.98 12.20
N MET F 267 -8.13 -9.92 13.07
CA MET F 267 -9.23 -10.87 12.95
C MET F 267 -10.37 -10.39 12.07
N GLY F 268 -10.61 -9.09 12.00
CA GLY F 268 -11.63 -8.56 11.14
C GLY F 268 -12.44 -7.48 11.80
N PRO F 269 -13.28 -6.80 11.01
CA PRO F 269 -14.01 -5.62 11.51
C PRO F 269 -15.15 -5.92 12.48
N THR F 270 -15.55 -7.18 12.67
CA THR F 270 -16.74 -7.50 13.43
C THR F 270 -16.36 -8.15 14.75
N ALA F 271 -16.80 -7.55 15.86
CA ALA F 271 -16.34 -7.96 17.19
C ALA F 271 -16.89 -9.33 17.57
N GLN F 272 -18.20 -9.53 17.46
CA GLN F 272 -18.77 -10.81 17.82
C GLN F 272 -18.24 -11.96 16.95
N ILE F 273 -17.90 -11.68 15.69
CA ILE F 273 -17.25 -12.71 14.87
C ILE F 273 -15.88 -13.05 15.45
N ASN F 274 -15.12 -12.02 15.85
CA ASN F 274 -13.80 -12.24 16.41
C ASN F 274 -13.86 -12.97 17.75
N LEU F 275 -15.01 -12.93 18.43
CA LEU F 275 -15.15 -13.74 19.64
C LEU F 275 -15.30 -15.23 19.34
N ASN F 276 -15.71 -15.60 18.13
CA ASN F 276 -16.06 -16.99 17.90
C ASN F 276 -14.95 -17.79 17.23
N TYR F 277 -13.81 -17.18 16.93
CA TYR F 277 -12.76 -17.94 16.28
C TYR F 277 -11.40 -17.46 16.75
N ASN F 278 -10.41 -18.34 16.64
CA ASN F 278 -9.02 -18.02 16.90
C ASN F 278 -8.31 -17.75 15.60
N LEU F 279 -7.36 -16.83 15.58
CA LEU F 279 -6.56 -16.60 14.39
C LEU F 279 -5.46 -17.59 14.66
N THR F 280 -5.27 -18.57 13.80
CA THR F 280 -4.36 -19.66 14.07
C THR F 280 -3.34 -19.96 13.00
N TRP F 281 -2.17 -20.41 13.43
CA TRP F 281 -1.12 -20.87 12.56
C TRP F 281 -0.62 -22.17 13.08
N ILE F 282 -0.12 -22.98 12.19
CA ILE F 282 0.39 -24.30 12.58
C ILE F 282 1.75 -24.51 11.90
N PHE F 283 2.71 -25.05 12.66
CA PHE F 283 4.07 -25.23 12.19
C PHE F 283 4.52 -26.64 12.53
N SER F 284 4.81 -27.43 11.51
CA SER F 284 5.37 -28.74 11.71
C SER F 284 6.80 -28.62 12.25
N ILE F 285 7.10 -29.40 13.30
CA ILE F 285 8.32 -29.29 14.09
C ILE F 285 8.83 -30.70 14.40
N ASP F 286 10.12 -30.79 14.70
CA ASP F 286 10.71 -32.04 15.17
C ASP F 286 10.41 -32.24 16.65
N SER F 287 10.13 -33.48 17.04
CA SER F 287 9.83 -33.80 18.42
C SER F 287 11.12 -34.00 19.21
N GLY F 288 10.98 -34.08 20.54
CA GLY F 288 12.10 -34.28 21.43
C GLY F 288 12.89 -33.03 21.75
N PHE F 289 12.53 -31.89 21.19
CA PHE F 289 13.23 -30.64 21.45
C PHE F 289 12.30 -29.64 22.13
N THR F 290 12.90 -28.55 22.59
CA THR F 290 12.18 -27.38 23.08
C THR F 290 12.42 -26.22 22.12
N TYR F 291 11.43 -25.34 22.01
CA TYR F 291 11.37 -24.37 20.92
C TYR F 291 11.29 -22.95 21.44
N LEU F 292 12.10 -22.07 20.86
CA LEU F 292 12.08 -20.64 21.14
C LEU F 292 11.17 -19.97 20.11
N VAL F 293 10.17 -19.25 20.59
CA VAL F 293 9.19 -18.59 19.73
C VAL F 293 9.26 -17.10 20.05
N ARG F 294 9.83 -16.32 19.15
CA ARG F 294 9.86 -14.87 19.26
C ARG F 294 8.71 -14.31 18.45
N LEU F 295 7.78 -13.64 19.13
CA LEU F 295 6.66 -13.01 18.47
C LEU F 295 6.91 -11.51 18.37
N HIS F 296 6.54 -10.93 17.22
CA HIS F 296 6.86 -9.56 16.85
C HIS F 296 5.57 -8.77 16.74
N PHE F 297 5.54 -7.60 17.40
CA PHE F 297 4.37 -6.76 17.53
C PHE F 297 4.70 -5.31 17.22
N CYS F 298 3.67 -4.60 16.74
CA CYS F 298 3.71 -3.17 16.50
C CYS F 298 2.27 -2.82 16.14
N GLU F 299 1.68 -1.89 16.87
CA GLU F 299 0.31 -1.47 16.59
C GLU F 299 0.31 -0.49 15.42
N VAL F 300 -0.15 -0.96 14.26
CA VAL F 300 -0.24 -0.16 13.04
C VAL F 300 -1.59 0.48 12.78
N SER F 301 -2.62 0.09 13.51
CA SER F 301 -3.93 0.66 13.25
C SER F 301 -4.02 2.10 13.71
N SER F 302 -4.68 2.95 12.90
CA SER F 302 -4.90 4.33 13.30
C SER F 302 -5.87 4.42 14.48
N ASN F 303 -6.76 3.43 14.63
CA ASN F 303 -7.76 3.49 15.68
C ASN F 303 -7.16 3.17 17.05
N ILE F 304 -6.15 2.32 17.09
CA ILE F 304 -5.56 1.87 18.35
C ILE F 304 -4.45 2.85 18.73
N THR F 305 -4.71 3.68 19.75
CA THR F 305 -3.66 4.57 20.22
C THR F 305 -3.55 4.59 21.75
N LYS F 306 -4.46 3.92 22.47
CA LYS F 306 -4.52 3.95 23.92
C LYS F 306 -4.62 2.53 24.45
N ILE F 307 -4.45 2.38 25.76
CA ILE F 307 -4.54 1.06 26.38
C ILE F 307 -5.99 0.58 26.38
N ASN F 308 -6.14 -0.73 26.56
CA ASN F 308 -7.46 -1.36 26.68
C ASN F 308 -8.34 -1.10 25.46
N GLN F 309 -7.72 -0.96 24.30
CA GLN F 309 -8.47 -0.94 23.04
C GLN F 309 -8.38 -2.29 22.34
N ARG F 310 -7.16 -2.81 22.14
CA ARG F 310 -6.93 -4.14 21.60
C ARG F 310 -6.21 -4.98 22.65
N VAL F 311 -6.91 -5.94 23.25
CA VAL F 311 -6.32 -6.87 24.21
C VAL F 311 -6.66 -8.28 23.76
N PHE F 312 -5.66 -9.16 23.79
CA PHE F 312 -5.84 -10.50 23.27
C PHE F 312 -4.95 -11.47 24.03
N THR F 313 -5.36 -12.74 23.98
CA THR F 313 -4.67 -13.88 24.56
C THR F 313 -3.91 -14.63 23.48
N ILE F 314 -2.68 -15.01 23.80
CA ILE F 314 -1.81 -15.82 22.95
C ILE F 314 -1.74 -17.23 23.54
N TYR F 315 -2.11 -18.23 22.74
CA TYR F 315 -1.97 -19.63 23.07
C TYR F 315 -0.86 -20.25 22.22
N LEU F 316 0.05 -20.96 22.86
CA LEU F 316 1.09 -21.69 22.16
C LEU F 316 0.86 -23.14 22.48
N ASN F 317 0.72 -23.95 21.45
CA ASN F 317 0.45 -25.39 21.54
C ASN F 317 -0.77 -25.75 22.33
N ASN F 318 -1.84 -24.98 22.12
CA ASN F 318 -3.18 -25.11 22.74
C ASN F 318 -3.23 -24.68 24.18
N GLN F 319 -2.21 -24.00 24.64
CA GLN F 319 -2.10 -23.56 26.01
C GLN F 319 -1.71 -22.13 26.05
N THR F 320 -2.05 -21.46 27.13
CA THR F 320 -1.81 -20.05 27.25
C THR F 320 -0.39 -19.59 27.54
N ALA F 321 0.14 -18.83 26.61
CA ALA F 321 1.43 -18.18 26.78
C ALA F 321 1.28 -16.74 27.26
N GLU F 322 0.22 -16.05 26.86
CA GLU F 322 -0.04 -14.68 27.30
C GLU F 322 -1.53 -14.51 27.55
N PRO F 323 -1.95 -14.27 28.80
CA PRO F 323 -3.38 -14.07 29.08
C PRO F 323 -3.98 -12.82 28.47
N GLU F 324 -3.26 -11.70 28.58
CA GLU F 324 -3.73 -10.41 28.08
C GLU F 324 -2.56 -9.68 27.45
N ALA F 325 -2.54 -9.59 26.13
CA ALA F 325 -1.52 -8.86 25.40
C ALA F 325 -2.12 -7.55 24.91
N ASP F 326 -1.70 -6.45 25.52
CA ASP F 326 -2.02 -5.10 25.09
C ASP F 326 -0.73 -4.51 24.55
N VAL F 327 -0.69 -4.27 23.23
CA VAL F 327 0.53 -3.79 22.61
C VAL F 327 0.85 -2.37 23.08
N ILE F 328 -0.16 -1.58 23.43
CA ILE F 328 0.12 -0.23 23.93
C ILE F 328 0.77 -0.32 25.31
N ALA F 329 0.23 -1.15 26.20
CA ALA F 329 0.88 -1.35 27.49
C ALA F 329 2.32 -1.81 27.30
N TRP F 330 2.58 -2.61 26.27
CA TRP F 330 3.94 -3.02 25.98
C TRP F 330 4.80 -1.88 25.46
N THR F 331 4.19 -0.89 24.79
CA THR F 331 4.96 0.12 24.06
C THR F 331 4.58 1.57 24.31
N SER F 332 3.36 1.86 24.79
CA SER F 332 2.78 3.17 25.11
C SER F 332 2.40 4.01 23.90
N SER F 333 2.68 3.57 22.67
CA SER F 333 2.36 4.43 21.54
C SER F 333 2.07 3.56 20.31
N ASN F 334 1.46 4.21 19.31
CA ASN F 334 1.33 3.64 17.97
C ASN F 334 2.70 3.38 17.34
N GLY F 335 2.70 2.53 16.32
CA GLY F 335 3.83 2.36 15.42
C GLY F 335 5.22 2.18 16.01
N VAL F 336 5.32 1.68 17.22
CA VAL F 336 6.60 1.41 17.86
C VAL F 336 6.74 -0.11 18.01
N PRO F 337 7.82 -0.70 17.48
CA PRO F 337 7.98 -2.16 17.54
C PRO F 337 8.25 -2.67 18.93
N PHE F 338 8.02 -3.98 19.08
CA PHE F 338 8.20 -4.71 20.32
C PHE F 338 8.25 -6.20 19.96
N HIS F 339 8.76 -7.01 20.87
CA HIS F 339 8.77 -8.45 20.65
C HIS F 339 8.92 -9.15 21.99
N LYS F 340 8.55 -10.43 22.01
CA LYS F 340 8.64 -11.22 23.24
C LYS F 340 8.99 -12.66 22.92
N ASP F 341 9.87 -13.25 23.72
CA ASP F 341 10.31 -14.63 23.57
C ASP F 341 9.54 -15.56 24.49
N TYR F 342 9.18 -16.73 23.97
CA TYR F 342 8.54 -17.79 24.72
C TYR F 342 9.27 -19.10 24.43
N VAL F 343 9.05 -20.09 25.29
CA VAL F 343 9.60 -21.43 25.08
C VAL F 343 8.44 -22.41 25.13
N VAL F 344 8.31 -23.21 24.08
CA VAL F 344 7.29 -24.25 23.98
C VAL F 344 7.98 -25.59 24.14
N ASN F 345 7.43 -26.44 25.00
CA ASN F 345 7.99 -27.77 25.18
C ASN F 345 6.95 -28.78 24.72
N PRO F 346 7.01 -29.23 23.47
CA PRO F 346 5.92 -30.01 22.88
C PRO F 346 5.75 -31.34 23.58
N PRO F 347 4.56 -31.94 23.50
CA PRO F 347 4.27 -33.16 24.27
C PRO F 347 4.83 -34.45 23.67
N GLU F 348 6.09 -34.44 23.22
CA GLU F 348 6.80 -35.67 22.85
C GLU F 348 5.99 -36.55 21.89
N GLN F 352 7.62 -33.87 12.29
CA GLN F 352 7.04 -34.99 13.04
C GLN F 352 5.93 -34.53 13.98
N GLN F 353 5.75 -33.23 14.13
CA GLN F 353 4.71 -32.71 15.01
C GLN F 353 4.23 -31.32 14.65
N ASP F 354 2.99 -31.02 14.98
CA ASP F 354 2.39 -29.73 14.67
C ASP F 354 2.36 -28.82 15.87
N LEU F 355 2.89 -27.63 15.69
CA LEU F 355 2.95 -26.64 16.74
C LEU F 355 1.94 -25.58 16.42
N TRP F 356 1.02 -25.36 17.34
CA TRP F 356 -0.04 -24.44 17.17
C TRP F 356 0.19 -23.11 17.78
N LEU F 357 -0.16 -22.08 17.04
CA LEU F 357 -0.12 -20.74 17.52
C LEU F 357 -1.49 -20.17 17.27
N ALA F 358 -2.07 -19.51 18.25
CA ALA F 358 -3.37 -18.94 18.09
C ALA F 358 -3.56 -17.78 18.97
N LEU F 359 -4.37 -16.84 18.54
CA LEU F 359 -4.67 -15.65 19.29
C LEU F 359 -6.16 -15.44 19.38
N HIS F 360 -6.62 -14.92 20.49
CA HIS F 360 -8.01 -14.64 20.69
C HIS F 360 -8.17 -13.40 21.50
N PRO F 361 -9.23 -12.66 21.28
CA PRO F 361 -9.46 -11.46 22.05
C PRO F 361 -9.81 -11.69 23.49
N ASN F 362 -9.37 -10.83 24.39
CA ASN F 362 -9.73 -10.98 25.79
C ASN F 362 -10.68 -9.87 26.10
N PRO F 363 -11.90 -10.21 26.43
CA PRO F 363 -12.91 -9.20 26.69
C PRO F 363 -13.04 -8.85 28.13
N VAL F 364 -12.36 -9.55 29.01
CA VAL F 364 -12.35 -9.20 30.39
C VAL F 364 -11.61 -7.89 30.43
N ASN F 365 -12.12 -6.97 31.25
CA ASN F 365 -11.70 -5.56 31.42
C ASN F 365 -12.30 -4.63 30.38
N LYS F 366 -13.16 -5.17 29.55
CA LYS F 366 -13.91 -4.45 28.54
C LYS F 366 -13.25 -3.51 27.57
N PRO F 367 -12.41 -4.05 26.73
CA PRO F 367 -11.73 -3.27 25.72
C PRO F 367 -12.67 -2.79 24.65
N GLU F 368 -12.24 -1.73 24.01
CA GLU F 368 -12.94 -1.05 22.97
C GLU F 368 -13.20 -1.88 21.74
N TYR F 369 -12.22 -2.71 21.39
CA TYR F 369 -12.34 -3.60 20.27
C TYR F 369 -12.04 -4.99 20.69
N TYR F 370 -12.63 -5.92 20.00
CA TYR F 370 -12.37 -7.30 20.27
C TYR F 370 -11.58 -7.68 19.07
N ASP F 371 -10.29 -7.81 19.23
CA ASP F 371 -9.41 -8.11 18.13
C ASP F 371 -8.10 -8.72 18.60
N SER F 372 -7.27 -9.10 17.65
CA SER F 372 -5.95 -9.64 17.91
C SER F 372 -4.95 -9.16 16.88
N LEU F 373 -3.67 -9.23 17.18
CA LEU F 373 -2.67 -8.76 16.25
C LEU F 373 -1.36 -9.47 16.29
N LEU F 374 -0.71 -9.56 15.14
CA LEU F 374 0.60 -10.18 15.05
C LEU F 374 1.37 -9.62 13.88
N ASN F 375 2.66 -9.34 14.05
CA ASN F 375 3.46 -8.77 12.98
C ASN F 375 4.53 -9.69 12.47
N GLY F 376 5.08 -10.52 13.32
CA GLY F 376 6.08 -11.43 12.84
C GLY F 376 6.30 -12.59 13.79
N VAL F 377 6.87 -13.67 13.25
CA VAL F 377 7.11 -14.89 14.00
C VAL F 377 8.49 -15.40 13.69
N GLU F 378 9.17 -15.89 14.71
CA GLU F 378 10.47 -16.55 14.58
C GLU F 378 10.50 -17.75 15.50
N ILE F 379 10.73 -18.92 14.95
CA ILE F 379 10.76 -20.15 15.73
C ILE F 379 12.10 -20.83 15.52
N PHE F 380 12.77 -21.17 16.63
CA PHE F 380 14.05 -21.83 16.63
C PHE F 380 13.95 -23.12 17.44
N LYS F 381 14.75 -24.09 17.05
CA LYS F 381 14.83 -25.35 17.75
C LYS F 381 16.03 -25.20 18.65
N MET F 382 15.86 -25.53 19.91
CA MET F 382 16.92 -25.39 20.87
C MET F 382 17.64 -26.69 21.03
N ASN F 383 18.97 -26.63 21.05
CA ASN F 383 19.76 -27.83 21.21
C ASN F 383 19.53 -28.44 22.56
N THR F 384 19.32 -29.75 22.58
CA THR F 384 19.04 -30.46 23.82
C THR F 384 20.31 -30.80 24.54
N SER F 385 20.31 -30.46 25.83
CA SER F 385 21.44 -30.67 26.75
C SER F 385 22.52 -29.96 26.01
N ASP F 386 23.54 -30.75 25.75
CA ASP F 386 24.61 -30.35 24.88
C ASP F 386 24.62 -31.59 23.97
N GLY F 387 24.45 -31.37 22.66
CA GLY F 387 24.30 -32.47 21.76
C GLY F 387 23.50 -32.12 20.53
N ASN F 388 22.63 -33.04 20.16
CA ASN F 388 21.83 -32.98 18.94
C ASN F 388 20.88 -31.83 18.66
N LEU F 389 20.90 -31.39 17.41
CA LEU F 389 19.94 -30.47 16.87
C LEU F 389 19.32 -31.19 15.70
N ALA F 390 19.58 -32.47 15.51
CA ALA F 390 19.03 -33.14 14.34
C ALA F 390 17.76 -33.88 14.67
N GLY F 391 16.79 -33.81 13.76
CA GLY F 391 15.52 -34.49 13.89
C GLY F 391 15.33 -35.54 12.80
N THR F 392 14.16 -36.15 12.82
CA THR F 392 13.82 -37.18 11.86
C THR F 392 13.69 -36.60 10.45
N ASN F 393 13.80 -37.48 9.45
CA ASN F 393 13.58 -37.05 8.09
C ASN F 393 12.09 -37.00 7.79
N PRO F 394 11.61 -35.93 7.15
CA PRO F 394 10.17 -35.77 6.92
C PRO F 394 9.57 -36.83 6.02
N ILE F 395 8.70 -37.66 6.59
CA ILE F 395 7.87 -38.55 5.80
C ILE F 395 6.94 -37.69 4.95
N PRO F 396 6.96 -37.82 3.62
CA PRO F 396 6.05 -37.04 2.77
C PRO F 396 4.60 -37.55 2.81
#